data_5DLL
#
_entry.id   5DLL
#
_cell.length_a   75.670
_cell.length_b   75.670
_cell.length_c   161.042
_cell.angle_alpha   90.00
_cell.angle_beta   90.00
_cell.angle_gamma   120.00
#
_symmetry.space_group_name_H-M   'P 31'
#
loop_
_entity.id
_entity.type
_entity.pdbx_description
1 polymer 'Aminopeptidase N'
2 non-polymer 'ZINC ION'
3 non-polymer 'CHLORIDE ION'
4 non-polymer 'SODIUM ION'
5 non-polymer 'PHOSPHATE ION'
6 water water
#
_entity_poly.entity_id   1
_entity_poly.type   'polypeptide(L)'
_entity_poly.pdbx_seq_one_letter_code
;SNAMIYEFVMTDPKIKYLKDYKPSNYLIDETHLIFELDESKTRVTANLYIVANRENRENNTLVLDGVELKLLSIKLNNKH
LSPAEFAVNENQLIINNVPEKFVLQTVVEINPSANTSLEGLYKSGDVFSTQCEATGFRKITYYLDRPDVMAAFTVKIIAD
KKKYPIILSNGDKIDSGDISDNQHFAVWKDPFKKPCYLFALVAGDLASIKDTYITKSQRKVSLEIYAFKQDIDKCHYAMQ
AVKDSMKWDEDRFGLEYDLDTFMIVAVPDFNAGAMENKGLNIFNTKYIMASNKTATDKDFELVQSVVGHEYFHNWTGDRV
TCRDWFQLSLKEGLTVFRDQEFTSDLNSRDVKRIDDVRIIRSAQFAEDASPMSHPIRPESYIEMNNFYTVTVYNKGAEII
RMIHTLLGEEGFQKGMKLYFERHDGQAVTCDDFVNAMADANNRDFSLFKRWYAQSGTPNIKVSENYDASSQTYSLTLEQT
TLPTADQKEKQALHIPVKMGLINPEGKNIAEQVIELKEQKQTYTFENIAAKPVASLFRDFSAPVKVEHKRSEKDLLHIVK
YDNNAFNRWDSLQQIATNIILNNADLNDEFLNAFKSILHDKDLDKALISNALLIPIESTIAEAMRVIMVDDIVLSRKNVV
NQLADKLKDDWLAVYQQCNDNKPYSLSAEQIAKRKLKGVCLSYLMNASDQKVGTDLAQQLFDNADNMTDQQTAFTELLKS
NDKQVRDNAINEFYNRWRHEDLVVNKWLLSQAQISHESALDIVKGLVNHPAYNPKNPNKVYSLIGGFGANFLQYHCKDGL
GYAFMADTVLALDKFNHQVAARMARNLMSWKRYDSDRQAMMKNALEKIKASNPSKNVFEIVSKSLES
;
_entity_poly.pdbx_strand_id   A
#
loop_
_chem_comp.id
_chem_comp.type
_chem_comp.name
_chem_comp.formula
CL non-polymer 'CHLORIDE ION' 'Cl -1'
NA non-polymer 'SODIUM ION' 'Na 1'
PO4 non-polymer 'PHOSPHATE ION' 'O4 P -3'
ZN non-polymer 'ZINC ION' 'Zn 2'
#
# COMPACT_ATOMS: atom_id res chain seq x y z
N LYS A 14 -12.19 -8.77 24.66
CA LYS A 14 -12.47 -7.47 25.34
C LYS A 14 -12.37 -6.31 24.35
N ILE A 15 -13.49 -5.62 24.16
CA ILE A 15 -13.56 -4.50 23.23
C ILE A 15 -12.99 -3.26 23.91
N LYS A 16 -12.18 -2.50 23.17
CA LYS A 16 -11.61 -1.24 23.65
C LYS A 16 -12.27 -0.09 22.91
N TYR A 17 -12.59 0.98 23.63
CA TYR A 17 -13.39 2.09 23.07
C TYR A 17 -12.63 3.42 23.04
N LEU A 18 -12.75 4.12 21.92
CA LEU A 18 -12.09 5.42 21.72
C LEU A 18 -12.50 6.46 22.77
N LYS A 19 -13.79 6.48 23.12
CA LYS A 19 -14.30 7.41 24.13
C LYS A 19 -13.76 7.15 25.53
N ASP A 20 -13.18 5.97 25.76
CA ASP A 20 -12.56 5.63 27.04
C ASP A 20 -11.16 6.22 27.24
N TYR A 21 -10.59 6.87 26.22
CA TYR A 21 -9.22 7.34 26.32
C TYR A 21 -9.03 8.26 27.53
N LYS A 22 -8.02 7.93 28.33
CA LYS A 22 -7.53 8.80 29.40
C LYS A 22 -6.03 8.95 29.20
N PRO A 23 -5.50 10.18 29.36
CA PRO A 23 -4.05 10.30 29.30
C PRO A 23 -3.40 9.50 30.42
N SER A 24 -2.18 9.01 30.18
CA SER A 24 -1.41 8.30 31.21
C SER A 24 -1.22 9.21 32.41
N ASN A 25 -1.42 8.67 33.61
CA ASN A 25 -1.23 9.45 34.85
C ASN A 25 0.24 9.74 35.17
N TYR A 26 1.15 8.96 34.57
CA TYR A 26 2.60 9.21 34.68
C TYR A 26 3.24 9.23 33.30
N LEU A 27 4.30 10.02 33.15
CA LEU A 27 4.99 10.20 31.86
C LEU A 27 6.49 9.96 31.97
N ILE A 28 7.10 9.64 30.83
CA ILE A 28 8.53 9.33 30.76
C ILE A 28 9.24 10.37 29.91
N ASP A 29 10.21 11.05 30.52
CA ASP A 29 11.01 12.06 29.86
C ASP A 29 12.18 11.42 29.12
N GLU A 30 12.89 10.52 29.81
CA GLU A 30 14.06 9.85 29.27
C GLU A 30 14.07 8.36 29.57
N THR A 31 14.72 7.59 28.70
CA THR A 31 14.83 6.15 28.83
C THR A 31 16.27 5.74 28.51
N HIS A 32 16.96 5.18 29.49
CA HIS A 32 18.34 4.73 29.31
C HIS A 32 18.39 3.21 29.43
N LEU A 33 18.74 2.55 28.33
CA LEU A 33 18.78 1.09 28.28
C LEU A 33 20.20 0.60 28.10
N ILE A 34 20.47 -0.58 28.67
CA ILE A 34 21.71 -1.33 28.42
C ILE A 34 21.32 -2.75 28.04
N PHE A 35 21.81 -3.20 26.89
CA PHE A 35 21.57 -4.55 26.40
C PHE A 35 22.85 -5.38 26.46
N GLU A 36 22.83 -6.44 27.27
CA GLU A 36 23.92 -7.41 27.30
C GLU A 36 23.47 -8.64 26.52
N LEU A 37 23.77 -8.64 25.22
CA LEU A 37 23.23 -9.62 24.30
C LEU A 37 23.76 -11.04 24.54
N ASP A 38 22.82 -11.98 24.56
CA ASP A 38 23.11 -13.40 24.62
C ASP A 38 21.95 -14.17 24.00
N GLU A 39 22.25 -15.31 23.41
CA GLU A 39 21.26 -16.18 22.80
C GLU A 39 20.11 -16.51 23.78
N SER A 40 20.45 -16.93 25.00
CA SER A 40 19.47 -17.40 25.98
C SER A 40 19.06 -16.36 27.03
N LYS A 41 20.04 -15.64 27.55
CA LYS A 41 19.85 -14.79 28.73
C LYS A 41 20.33 -13.36 28.47
N THR A 42 19.62 -12.65 27.61
CA THR A 42 19.89 -11.25 27.36
C THR A 42 19.41 -10.40 28.54
N ARG A 43 20.28 -9.55 29.08
CA ARG A 43 19.96 -8.74 30.25
C ARG A 43 19.67 -7.30 29.86
N VAL A 44 18.51 -6.80 30.27
CA VAL A 44 18.07 -5.44 29.94
C VAL A 44 17.87 -4.59 31.21
N THR A 45 18.92 -3.83 31.53
CA THR A 45 18.86 -2.79 32.55
C THR A 45 18.20 -1.57 31.91
N ALA A 46 17.33 -0.89 32.65
CA ALA A 46 16.61 0.27 32.13
C ALA A 46 16.35 1.31 33.21
N ASN A 47 16.82 2.54 32.96
CA ASN A 47 16.58 3.66 33.86
C ASN A 47 15.52 4.56 33.27
N LEU A 48 14.33 4.55 33.88
CA LEU A 48 13.19 5.33 33.41
C LEU A 48 13.06 6.56 34.27
N TYR A 49 13.18 7.73 33.66
CA TYR A 49 13.04 9.00 34.38
C TYR A 49 11.62 9.50 34.21
N ILE A 50 10.82 9.27 35.25
CA ILE A 50 9.37 9.36 35.19
C ILE A 50 8.87 10.56 35.99
N VAL A 51 7.77 11.15 35.52
CA VAL A 51 7.17 12.30 36.18
C VAL A 51 5.64 12.21 36.16
N ALA A 52 5.01 12.69 37.23
CA ALA A 52 3.56 12.69 37.34
C ALA A 52 2.94 13.59 36.27
N ASN A 53 1.91 13.09 35.60
CA ASN A 53 1.26 13.82 34.51
C ASN A 53 0.15 14.74 35.01
N ARG A 54 0.32 16.04 34.85
CA ARG A 54 -0.65 17.03 35.34
C ARG A 54 -2.07 16.80 34.80
N GLU A 55 -2.17 16.27 33.58
CA GLU A 55 -3.46 16.03 32.93
C GLU A 55 -4.24 14.83 33.49
N ASN A 56 -3.60 14.03 34.34
CA ASN A 56 -4.26 12.90 35.03
C ASN A 56 -3.60 12.59 36.38
N ARG A 57 -4.22 13.03 37.47
CA ARG A 57 -3.69 12.81 38.81
C ARG A 57 -4.72 12.19 39.77
N GLU A 58 -5.56 11.30 39.26
CA GLU A 58 -6.62 10.70 40.07
C GLU A 58 -6.11 9.63 41.06
N ASN A 59 -4.90 9.12 40.82
CA ASN A 59 -4.20 8.27 41.79
C ASN A 59 -2.70 8.27 41.54
N ASN A 60 -1.94 7.70 42.47
CA ASN A 60 -0.48 7.66 42.38
C ASN A 60 0.08 6.25 42.19
N THR A 61 -0.65 5.43 41.44
CA THR A 61 -0.22 4.09 41.13
C THR A 61 0.41 4.07 39.75
N LEU A 62 1.62 3.52 39.65
CA LEU A 62 2.27 3.29 38.37
C LEU A 62 1.94 1.89 37.87
N VAL A 63 1.43 1.80 36.64
CA VAL A 63 1.11 0.51 36.02
C VAL A 63 1.94 0.33 34.75
N LEU A 64 3.10 -0.31 34.89
CA LEU A 64 3.96 -0.61 33.75
C LEU A 64 3.53 -1.90 33.04
N ASP A 65 3.61 -1.88 31.71
CA ASP A 65 3.34 -3.05 30.88
C ASP A 65 4.63 -3.88 30.74
N GLY A 66 4.51 -5.20 30.83
CA GLY A 66 5.67 -6.09 30.68
C GLY A 66 5.24 -7.55 30.54
N VAL A 67 5.79 -8.23 29.55
CA VAL A 67 5.33 -9.56 29.18
C VAL A 67 6.51 -10.50 28.92
N GLU A 68 6.48 -11.67 29.55
CA GLU A 68 7.53 -12.68 29.41
C GLU A 68 8.88 -12.16 29.89
N LEU A 69 8.87 -11.49 31.04
CA LEU A 69 10.06 -10.85 31.62
C LEU A 69 10.43 -11.48 32.97
N LYS A 70 11.69 -11.89 33.10
CA LYS A 70 12.20 -12.34 34.40
C LYS A 70 12.81 -11.13 35.11
N LEU A 71 12.15 -10.68 36.17
CA LEU A 71 12.60 -9.52 36.95
C LEU A 71 13.68 -9.89 37.95
N LEU A 72 14.92 -9.48 37.69
CA LEU A 72 16.04 -9.76 38.58
C LEU A 72 16.28 -8.68 39.61
N SER A 73 15.81 -7.47 39.35
CA SER A 73 16.08 -6.33 40.24
C SER A 73 15.18 -5.15 39.94
N ILE A 74 14.89 -4.37 40.98
CA ILE A 74 14.07 -3.18 40.86
C ILE A 74 14.40 -2.20 41.99
N LYS A 75 14.71 -0.95 41.60
CA LYS A 75 15.04 0.11 42.54
C LYS A 75 14.34 1.40 42.13
N LEU A 76 13.79 2.11 43.11
CA LEU A 76 13.18 3.42 42.88
C LEU A 76 14.03 4.47 43.59
N ASN A 77 14.41 5.51 42.87
CA ASN A 77 15.33 6.54 43.36
C ASN A 77 16.60 5.92 43.98
N ASN A 78 17.15 4.94 43.25
CA ASN A 78 18.39 4.27 43.60
C ASN A 78 18.32 3.34 44.83
N LYS A 79 17.15 3.26 45.46
CA LYS A 79 16.93 2.37 46.61
C LYS A 79 16.05 1.18 46.19
N HIS A 80 16.39 -0.01 46.68
CA HIS A 80 15.65 -1.24 46.32
C HIS A 80 14.21 -1.22 46.82
N LEU A 81 13.32 -1.86 46.06
CA LEU A 81 11.94 -2.05 46.50
C LEU A 81 11.76 -3.47 47.04
N SER A 82 11.08 -3.58 48.17
CA SER A 82 10.76 -4.86 48.77
C SER A 82 9.57 -5.48 48.05
N PRO A 83 9.42 -6.82 48.10
CA PRO A 83 8.25 -7.50 47.54
C PRO A 83 6.89 -6.92 47.95
N ALA A 84 6.81 -6.30 49.12
CA ALA A 84 5.58 -5.68 49.62
C ALA A 84 5.24 -4.35 48.94
N GLU A 85 6.27 -3.64 48.45
CA GLU A 85 6.10 -2.31 47.83
C GLU A 85 5.71 -2.31 46.34
N PHE A 86 5.61 -3.50 45.74
CA PHE A 86 5.15 -3.63 44.35
C PHE A 86 4.53 -4.99 44.09
N ALA A 87 3.88 -5.11 42.94
CA ALA A 87 3.25 -6.37 42.52
C ALA A 87 3.59 -6.66 41.06
N VAL A 88 3.88 -7.92 40.76
CA VAL A 88 4.21 -8.35 39.41
C VAL A 88 3.24 -9.45 38.99
N ASN A 89 2.41 -9.16 38.00
CA ASN A 89 1.54 -10.18 37.43
C ASN A 89 2.01 -10.57 36.02
N GLU A 90 1.16 -11.32 35.31
CA GLU A 90 1.49 -11.87 34.00
C GLU A 90 1.81 -10.78 32.95
N ASN A 91 1.07 -9.68 33.01
CA ASN A 91 1.12 -8.65 31.97
C ASN A 91 1.53 -7.24 32.44
N GLN A 92 1.79 -7.07 33.73
CA GLN A 92 2.04 -5.74 34.29
C GLN A 92 3.01 -5.76 35.45
N LEU A 93 3.44 -4.56 35.85
CA LEU A 93 4.15 -4.35 37.11
C LEU A 93 3.58 -3.11 37.80
N ILE A 94 2.95 -3.31 38.95
CA ILE A 94 2.19 -2.25 39.63
C ILE A 94 2.93 -1.76 40.88
N ILE A 95 3.00 -0.44 41.03
CA ILE A 95 3.63 0.20 42.18
C ILE A 95 2.73 1.32 42.68
N ASN A 96 2.34 1.26 43.95
CA ASN A 96 1.50 2.28 44.58
C ASN A 96 2.31 3.39 45.26
N ASN A 97 1.65 4.54 45.44
CA ASN A 97 2.21 5.68 46.18
C ASN A 97 3.61 6.08 45.72
N VAL A 98 3.78 6.23 44.41
CA VAL A 98 5.04 6.69 43.83
C VAL A 98 5.12 8.21 43.94
N PRO A 99 6.35 8.77 43.91
CA PRO A 99 6.51 10.24 43.99
C PRO A 99 6.14 11.00 42.72
N GLU A 100 6.12 12.33 42.82
CA GLU A 100 5.81 13.21 41.69
C GLU A 100 6.89 13.16 40.61
N LYS A 101 8.12 12.86 41.01
CA LYS A 101 9.26 12.82 40.09
C LYS A 101 10.28 11.82 40.63
N PHE A 102 10.66 10.84 39.81
CA PHE A 102 11.58 9.79 40.26
C PHE A 102 12.25 9.03 39.11
N VAL A 103 13.29 8.28 39.45
CA VAL A 103 13.97 7.40 38.52
C VAL A 103 13.73 5.95 38.96
N LEU A 104 13.34 5.11 38.00
CA LEU A 104 13.07 3.70 38.26
C LEU A 104 14.00 2.81 37.45
N GLN A 105 14.88 2.08 38.13
CA GLN A 105 15.77 1.13 37.48
C GLN A 105 15.24 -0.28 37.59
N THR A 106 15.16 -0.98 36.46
CA THR A 106 14.82 -2.40 36.44
C THR A 106 15.86 -3.18 35.63
N VAL A 107 16.39 -4.25 36.20
CA VAL A 107 17.13 -5.25 35.43
C VAL A 107 16.20 -6.41 35.14
N VAL A 108 16.23 -6.89 33.90
CA VAL A 108 15.32 -7.92 33.39
C VAL A 108 16.11 -8.88 32.50
N GLU A 109 15.67 -10.14 32.44
CA GLU A 109 16.28 -11.14 31.56
C GLU A 109 15.25 -11.70 30.58
N ILE A 110 15.69 -11.94 29.34
CA ILE A 110 14.79 -12.42 28.28
C ILE A 110 15.50 -13.40 27.35
N ASN A 111 14.69 -14.17 26.62
CA ASN A 111 15.19 -15.25 25.78
C ASN A 111 14.79 -15.01 24.31
N PRO A 112 15.69 -14.36 23.54
CA PRO A 112 15.46 -14.13 22.11
C PRO A 112 15.42 -15.42 21.30
N SER A 113 16.26 -16.38 21.66
CA SER A 113 16.31 -17.67 20.98
C SER A 113 14.97 -18.37 21.01
N ALA A 114 14.21 -18.16 22.09
CA ALA A 114 12.92 -18.81 22.32
C ALA A 114 11.71 -18.03 21.79
N ASN A 115 11.91 -16.77 21.44
CA ASN A 115 10.82 -15.92 20.94
C ASN A 115 10.47 -16.24 19.48
N THR A 116 9.28 -16.79 19.28
CA THR A 116 8.74 -17.08 17.96
C THR A 116 7.52 -16.22 17.63
N SER A 117 7.24 -15.21 18.46
CA SER A 117 6.09 -14.32 18.27
C SER A 117 6.33 -13.21 17.25
N LEU A 118 7.60 -13.00 16.88
CA LEU A 118 8.01 -11.97 15.92
C LEU A 118 7.75 -10.56 16.45
N GLU A 119 7.85 -10.41 17.77
CA GLU A 119 7.77 -9.12 18.44
C GLU A 119 8.88 -9.06 19.48
N GLY A 120 9.06 -7.90 20.11
CA GLY A 120 10.13 -7.72 21.07
C GLY A 120 11.48 -8.05 20.45
N LEU A 121 12.41 -8.55 21.25
CA LEU A 121 13.71 -8.95 20.75
C LEU A 121 13.65 -10.41 20.36
N TYR A 122 14.01 -10.72 19.11
CA TYR A 122 14.11 -12.11 18.66
C TYR A 122 15.38 -12.34 17.87
N LYS A 123 15.66 -13.60 17.54
CA LYS A 123 16.90 -13.96 16.85
C LYS A 123 16.64 -15.00 15.77
N SER A 124 16.97 -14.65 14.52
CA SER A 124 16.68 -15.50 13.37
C SER A 124 17.86 -15.53 12.39
N GLY A 125 18.67 -16.59 12.50
CA GLY A 125 19.80 -16.78 11.59
C GLY A 125 21.04 -16.03 12.01
N ASP A 126 21.38 -16.17 13.30
CA ASP A 126 22.56 -15.52 13.92
C ASP A 126 22.50 -13.99 13.88
N VAL A 127 21.32 -13.43 14.08
CA VAL A 127 21.14 -11.97 14.07
C VAL A 127 19.98 -11.53 14.96
N PHE A 128 20.28 -10.70 15.96
CA PHE A 128 19.25 -10.12 16.81
C PHE A 128 18.53 -9.03 16.05
N SER A 129 17.24 -8.93 16.28
CA SER A 129 16.40 -7.97 15.58
C SER A 129 15.13 -7.78 16.38
N THR A 130 14.50 -6.62 16.26
CA THR A 130 13.30 -6.31 17.02
C THR A 130 12.11 -6.03 16.13
N GLN A 131 10.96 -5.87 16.78
CA GLN A 131 9.75 -5.36 16.15
C GLN A 131 8.84 -4.93 17.30
N CYS A 132 8.55 -3.63 17.38
CA CYS A 132 7.85 -3.09 18.53
C CYS A 132 6.46 -2.51 18.24
N GLU A 133 6.12 -2.27 16.98
CA GLU A 133 4.74 -1.88 16.66
C GLU A 133 3.89 -3.14 16.59
N ALA A 134 2.72 -3.18 17.25
CA ALA A 134 2.17 -2.09 18.05
C ALA A 134 2.66 -2.09 19.51
N THR A 135 2.73 -3.28 20.12
CA THR A 135 2.98 -3.42 21.56
C THR A 135 4.07 -4.46 21.88
N GLY A 136 5.09 -4.53 21.04
CA GLY A 136 6.17 -5.48 21.22
C GLY A 136 7.28 -5.02 22.15
N PHE A 137 7.27 -3.76 22.57
CA PHE A 137 8.34 -3.26 23.43
C PHE A 137 8.21 -3.77 24.86
N ARG A 138 6.96 -3.94 25.32
CA ARG A 138 6.70 -4.52 26.65
C ARG A 138 7.32 -5.91 26.83
N LYS A 139 7.54 -6.65 25.73
CA LYS A 139 8.27 -7.92 25.76
C LYS A 139 9.80 -7.79 25.83
N ILE A 140 10.31 -6.59 26.11
CA ILE A 140 11.76 -6.36 26.21
C ILE A 140 12.13 -5.89 27.60
N THR A 141 11.44 -4.86 28.09
CA THR A 141 11.52 -4.45 29.49
C THR A 141 10.21 -3.79 29.86
N TYR A 142 10.05 -3.49 31.15
CA TYR A 142 8.80 -2.92 31.67
C TYR A 142 8.70 -1.44 31.30
N TYR A 143 7.61 -1.09 30.63
CA TYR A 143 7.43 0.26 30.08
C TYR A 143 5.95 0.67 30.08
N LEU A 144 5.69 1.95 29.81
CA LEU A 144 4.35 2.40 29.46
C LEU A 144 4.19 2.26 27.94
N ASP A 145 3.87 1.05 27.50
CA ASP A 145 3.90 0.67 26.10
C ASP A 145 2.66 1.20 25.37
N ARG A 146 2.60 2.52 25.21
CA ARG A 146 1.52 3.21 24.54
C ARG A 146 2.11 4.42 23.83
N PRO A 147 1.55 4.78 22.67
CA PRO A 147 2.19 5.77 21.82
C PRO A 147 2.14 7.23 22.32
N ASP A 148 1.27 7.54 23.28
CA ASP A 148 1.18 8.90 23.82
C ASP A 148 2.21 9.17 24.92
N VAL A 149 3.05 8.17 25.22
CA VAL A 149 4.18 8.36 26.10
C VAL A 149 5.46 8.27 25.26
N MET A 150 6.12 9.42 25.10
CA MET A 150 7.29 9.56 24.25
C MET A 150 8.48 10.05 25.07
N ALA A 151 9.64 9.43 24.86
CA ALA A 151 10.82 9.69 25.67
C ALA A 151 12.10 9.76 24.84
N ALA A 152 13.11 10.45 25.38
CA ALA A 152 14.43 10.52 24.78
C ALA A 152 15.25 9.28 25.15
N PHE A 153 15.70 8.54 24.12
CA PHE A 153 16.35 7.25 24.31
C PHE A 153 17.88 7.30 24.21
N THR A 154 18.56 6.86 25.25
CA THR A 154 19.99 6.53 25.17
C THR A 154 20.08 5.03 25.33
N VAL A 155 20.87 4.38 24.48
CA VAL A 155 20.88 2.92 24.40
C VAL A 155 22.31 2.39 24.25
N LYS A 156 22.81 1.65 25.24
CA LYS A 156 24.08 0.94 25.11
C LYS A 156 23.83 -0.51 24.69
N ILE A 157 24.73 -1.07 23.89
CA ILE A 157 24.64 -2.48 23.45
C ILE A 157 25.98 -3.17 23.66
N ILE A 158 25.98 -4.25 24.44
CA ILE A 158 27.19 -5.05 24.67
C ILE A 158 27.02 -6.42 24.01
N ALA A 159 28.03 -6.89 23.30
CA ALA A 159 27.95 -8.18 22.60
C ALA A 159 29.32 -8.73 22.15
N ASP A 160 29.31 -9.94 21.62
CA ASP A 160 30.52 -10.58 21.09
C ASP A 160 30.95 -9.91 19.79
N LYS A 161 32.25 -9.67 19.64
CA LYS A 161 32.81 -9.02 18.44
C LYS A 161 32.79 -9.92 17.22
N LYS A 162 33.22 -11.16 17.42
CA LYS A 162 33.32 -12.15 16.35
C LYS A 162 31.96 -12.34 15.67
N LYS A 163 30.93 -12.55 16.49
CA LYS A 163 29.59 -12.88 15.98
C LYS A 163 28.72 -11.66 15.68
N TYR A 164 28.89 -10.58 16.44
CA TYR A 164 28.03 -9.40 16.30
C TYR A 164 28.84 -8.11 16.17
N PRO A 165 29.60 -7.97 15.07
CA PRO A 165 30.41 -6.77 14.88
C PRO A 165 29.56 -5.52 14.58
N ILE A 166 28.36 -5.73 14.05
CA ILE A 166 27.44 -4.64 13.78
C ILE A 166 26.40 -4.60 14.89
N ILE A 167 26.41 -3.52 15.66
CA ILE A 167 25.46 -3.35 16.78
C ILE A 167 24.78 -1.99 16.70
N LEU A 168 23.53 -1.99 16.27
CA LEU A 168 22.83 -0.77 15.89
C LEU A 168 21.59 -0.50 16.75
N SER A 169 21.23 0.78 16.84
CA SER A 169 19.98 1.21 17.44
C SER A 169 19.66 2.62 16.95
N ASN A 170 18.68 3.28 17.55
CA ASN A 170 18.19 4.56 17.04
C ASN A 170 19.13 5.73 17.34
N GLY A 171 19.29 6.61 16.35
CA GLY A 171 20.05 7.85 16.50
C GLY A 171 21.49 7.74 16.06
N ASP A 172 22.37 8.48 16.74
CA ASP A 172 23.77 8.56 16.37
C ASP A 172 24.64 7.83 17.39
N LYS A 173 25.67 7.16 16.90
CA LYS A 173 26.63 6.47 17.76
C LYS A 173 27.56 7.47 18.43
N ILE A 174 27.29 7.81 19.69
CA ILE A 174 28.07 8.80 20.42
C ILE A 174 29.30 8.25 21.18
N ASP A 175 29.38 6.93 21.33
CA ASP A 175 30.50 6.31 22.04
C ASP A 175 30.66 4.85 21.63
N SER A 176 31.88 4.35 21.70
CA SER A 176 32.20 3.04 21.15
C SER A 176 33.54 2.54 21.69
N GLY A 177 33.76 1.23 21.63
CA GLY A 177 35.01 0.63 22.05
C GLY A 177 34.87 -0.81 22.50
N ASP A 178 35.97 -1.36 23.00
CA ASP A 178 36.01 -2.75 23.47
C ASP A 178 35.82 -2.88 24.98
N ILE A 179 35.73 -4.12 25.44
CA ILE A 179 35.71 -4.44 26.86
C ILE A 179 36.00 -5.94 26.99
N SER A 180 36.70 -6.32 28.06
CA SER A 180 37.09 -7.72 28.27
C SER A 180 38.08 -8.15 27.18
N ASP A 181 38.22 -9.46 26.96
CA ASP A 181 39.12 -9.99 25.95
C ASP A 181 38.46 -10.20 24.58
N ASN A 182 37.12 -10.22 24.54
CA ASN A 182 36.40 -10.67 23.34
C ASN A 182 35.08 -9.94 23.00
N GLN A 183 34.76 -8.86 23.70
CA GLN A 183 33.50 -8.14 23.47
C GLN A 183 33.72 -6.67 23.10
N HIS A 184 32.64 -6.05 22.62
CA HIS A 184 32.64 -4.62 22.29
C HIS A 184 31.29 -4.02 22.60
N PHE A 185 31.23 -2.69 22.63
CA PHE A 185 29.99 -1.98 22.89
C PHE A 185 29.80 -0.78 21.98
N ALA A 186 28.59 -0.24 22.01
CA ALA A 186 28.23 0.95 21.24
C ALA A 186 27.07 1.67 21.97
N VAL A 187 27.11 3.00 21.97
CA VAL A 187 26.06 3.78 22.59
C VAL A 187 25.38 4.62 21.50
N TRP A 188 24.05 4.49 21.42
CA TRP A 188 23.26 5.20 20.43
C TRP A 188 22.29 6.14 21.12
N LYS A 189 22.49 7.44 20.92
CA LYS A 189 21.61 8.47 21.47
C LYS A 189 20.66 8.99 20.41
N ASP A 190 19.39 9.11 20.77
CA ASP A 190 18.36 9.70 19.92
C ASP A 190 17.69 10.82 20.73
N PRO A 191 18.07 12.08 20.45
CA PRO A 191 17.67 13.22 21.27
C PRO A 191 16.20 13.62 21.19
N PHE A 192 15.48 13.12 20.19
CA PHE A 192 14.08 13.50 19.99
C PHE A 192 13.15 12.49 20.65
N LYS A 193 12.21 13.01 21.44
CA LYS A 193 11.18 12.20 22.09
C LYS A 193 10.44 11.32 21.06
N LYS A 194 10.31 10.03 21.37
CA LYS A 194 9.57 9.10 20.52
C LYS A 194 8.84 8.05 21.36
N PRO A 195 7.72 7.52 20.84
CA PRO A 195 7.07 6.39 21.50
C PRO A 195 7.87 5.11 21.29
N CYS A 196 7.70 4.13 22.18
CA CYS A 196 8.55 2.93 22.15
C CYS A 196 8.34 2.03 20.93
N TYR A 197 7.19 2.13 20.26
CA TYR A 197 6.93 1.27 19.09
C TYR A 197 7.90 1.54 17.93
N LEU A 198 8.58 2.68 17.98
CA LEU A 198 9.62 3.03 17.03
C LEU A 198 11.03 2.70 17.49
N PHE A 199 11.14 2.05 18.65
CA PHE A 199 12.43 1.60 19.12
C PHE A 199 12.87 0.39 18.29
N ALA A 200 14.15 0.35 17.95
CA ALA A 200 14.73 -0.81 17.27
C ALA A 200 16.17 -1.09 17.70
N LEU A 201 16.52 -2.37 17.64
CA LEU A 201 17.88 -2.84 17.89
C LEU A 201 18.21 -3.92 16.87
N VAL A 202 19.43 -3.89 16.35
CA VAL A 202 19.94 -4.95 15.46
C VAL A 202 21.40 -5.25 15.78
N ALA A 203 21.74 -6.54 15.85
CA ALA A 203 23.11 -6.97 16.06
C ALA A 203 23.41 -8.21 15.24
N GLY A 204 24.48 -8.16 14.43
CA GLY A 204 24.83 -9.28 13.57
C GLY A 204 26.10 -9.10 12.79
N ASP A 205 26.42 -10.10 11.97
CA ASP A 205 27.53 -10.03 11.03
C ASP A 205 26.97 -9.64 9.65
N LEU A 206 26.92 -8.34 9.39
CA LEU A 206 26.27 -7.82 8.18
C LEU A 206 27.21 -6.98 7.33
N ALA A 207 27.15 -7.20 6.02
CA ALA A 207 27.79 -6.32 5.05
C ALA A 207 27.04 -4.99 4.97
N SER A 208 27.65 -3.99 4.35
CA SER A 208 27.06 -2.66 4.30
C SER A 208 27.41 -1.88 3.03
N ILE A 209 26.49 -1.01 2.63
CA ILE A 209 26.76 0.05 1.67
C ILE A 209 26.67 1.37 2.43
N LYS A 210 27.78 2.07 2.53
CA LYS A 210 27.80 3.38 3.19
C LYS A 210 27.97 4.49 2.15
N ASP A 211 27.25 5.60 2.36
CA ASP A 211 27.25 6.73 1.44
C ASP A 211 26.86 7.98 2.22
N THR A 212 26.69 9.10 1.52
CA THR A 212 26.43 10.39 2.18
C THR A 212 25.36 11.21 1.45
N TYR A 213 24.73 12.12 2.20
CA TYR A 213 23.76 13.07 1.66
C TYR A 213 23.91 14.40 2.38
N ILE A 214 24.10 15.48 1.63
CA ILE A 214 24.21 16.82 2.21
C ILE A 214 22.83 17.45 2.30
N THR A 215 22.47 17.89 3.50
CA THR A 215 21.16 18.48 3.72
C THR A 215 21.08 19.93 3.25
N LYS A 216 19.87 20.47 3.28
CA LYS A 216 19.55 21.85 2.91
C LYS A 216 20.28 22.87 3.78
N SER A 217 20.52 22.53 5.05
CA SER A 217 21.31 23.37 5.95
C SER A 217 22.78 22.93 5.99
N GLN A 218 23.19 22.12 5.00
CA GLN A 218 24.59 21.80 4.74
C GLN A 218 25.21 20.76 5.67
N ARG A 219 24.37 20.03 6.42
CA ARG A 219 24.88 19.02 7.35
C ARG A 219 25.12 17.70 6.63
N LYS A 220 26.16 17.00 7.03
CA LYS A 220 26.55 15.73 6.43
C LYS A 220 25.89 14.55 7.15
N VAL A 221 25.04 13.83 6.42
CA VAL A 221 24.28 12.71 6.97
C VAL A 221 24.84 11.38 6.43
N SER A 222 25.28 10.52 7.33
CA SER A 222 25.77 9.20 6.94
C SER A 222 24.59 8.26 6.62
N LEU A 223 24.61 7.70 5.41
CA LEU A 223 23.60 6.73 4.99
C LEU A 223 24.23 5.34 5.03
N GLU A 224 23.49 4.36 5.55
CA GLU A 224 24.04 3.02 5.78
C GLU A 224 22.99 1.93 5.58
N ILE A 225 23.07 1.23 4.46
CA ILE A 225 22.25 0.03 4.24
C ILE A 225 23.05 -1.20 4.68
N TYR A 226 22.43 -2.03 5.53
CA TYR A 226 23.06 -3.24 6.04
C TYR A 226 22.28 -4.48 5.59
N ALA A 227 23.00 -5.48 5.09
CA ALA A 227 22.42 -6.76 4.70
C ALA A 227 23.50 -7.83 4.62
N PHE A 228 23.09 -9.08 4.45
CA PHE A 228 24.04 -10.18 4.35
C PHE A 228 24.90 -10.04 3.09
N LYS A 229 26.07 -10.66 3.11
CA LYS A 229 27.01 -10.64 1.99
C LYS A 229 26.33 -10.92 0.64
N GLN A 230 25.45 -11.91 0.61
CA GLN A 230 24.83 -12.36 -0.63
C GLN A 230 23.68 -11.46 -1.15
N ASP A 231 23.09 -10.68 -0.24
CA ASP A 231 21.99 -9.77 -0.59
C ASP A 231 22.42 -8.34 -0.92
N ILE A 232 23.60 -7.92 -0.42
CA ILE A 232 24.00 -6.51 -0.45
C ILE A 232 24.18 -5.93 -1.86
N ASP A 233 24.64 -6.75 -2.81
CA ASP A 233 24.88 -6.31 -4.19
C ASP A 233 23.61 -5.83 -4.91
N LYS A 234 22.44 -6.26 -4.44
CA LYS A 234 21.17 -5.85 -5.03
C LYS A 234 20.48 -4.75 -4.22
N CYS A 235 21.23 -4.07 -3.35
CA CYS A 235 20.68 -3.00 -2.51
C CYS A 235 21.13 -1.59 -2.96
N HIS A 236 21.71 -1.48 -4.16
CA HIS A 236 22.27 -0.20 -4.60
C HIS A 236 21.21 0.79 -5.08
N TYR A 237 20.14 0.29 -5.69
CA TYR A 237 19.02 1.16 -6.09
C TYR A 237 18.30 1.75 -4.87
N ALA A 238 18.18 0.97 -3.81
CA ALA A 238 17.55 1.45 -2.56
C ALA A 238 18.25 2.68 -2.01
N MET A 239 19.59 2.67 -2.03
CA MET A 239 20.37 3.82 -1.59
C MET A 239 19.96 5.06 -2.37
N GLN A 240 19.77 4.88 -3.68
CA GLN A 240 19.31 5.98 -4.53
C GLN A 240 17.91 6.44 -4.13
N ALA A 241 17.03 5.50 -3.82
CA ALA A 241 15.67 5.81 -3.34
C ALA A 241 15.69 6.63 -2.04
N VAL A 242 16.71 6.41 -1.21
CA VAL A 242 16.89 7.19 0.02
C VAL A 242 17.24 8.64 -0.30
N LYS A 243 18.13 8.83 -1.28
CA LYS A 243 18.53 10.18 -1.71
C LYS A 243 17.38 10.93 -2.38
N ASP A 244 16.63 10.23 -3.23
CA ASP A 244 15.45 10.79 -3.88
C ASP A 244 14.40 11.19 -2.84
N SER A 245 14.23 10.34 -1.82
CA SER A 245 13.27 10.59 -0.74
C SER A 245 13.64 11.81 0.07
N MET A 246 14.90 11.87 0.49
CA MET A 246 15.39 12.96 1.32
C MET A 246 15.27 14.31 0.64
N LYS A 247 15.69 14.36 -0.63
CA LYS A 247 15.65 15.58 -1.43
C LYS A 247 14.23 16.05 -1.71
N TRP A 248 13.33 15.12 -1.98
CA TRP A 248 11.95 15.45 -2.30
C TRP A 248 11.22 16.04 -1.10
N ASP A 249 11.58 15.55 0.09
CA ASP A 249 10.98 16.01 1.32
C ASP A 249 11.45 17.43 1.60
N GLU A 250 12.75 17.68 1.38
CA GLU A 250 13.30 19.04 1.48
C GLU A 250 12.64 19.97 0.47
N ASP A 251 12.67 19.59 -0.80
CA ASP A 251 12.16 20.44 -1.88
C ASP A 251 10.67 20.76 -1.70
N ARG A 252 9.84 19.74 -1.60
CA ARG A 252 8.39 19.96 -1.58
C ARG A 252 7.81 20.29 -0.20
N PHE A 253 8.30 19.63 0.84
CA PHE A 253 7.70 19.77 2.18
C PHE A 253 8.48 20.66 3.16
N GLY A 254 9.73 20.97 2.83
CA GLY A 254 10.58 21.76 3.72
C GLY A 254 11.00 20.97 4.94
N LEU A 255 11.13 19.65 4.78
CA LEU A 255 11.47 18.75 5.88
C LEU A 255 12.86 18.17 5.70
N GLU A 256 13.76 18.60 6.59
CA GLU A 256 15.14 18.16 6.63
C GLU A 256 15.30 17.01 7.64
N TYR A 257 16.12 16.02 7.31
CA TYR A 257 16.45 14.94 8.24
C TYR A 257 17.05 15.53 9.51
N ASP A 258 16.82 14.85 10.63
CA ASP A 258 17.12 15.43 11.96
C ASP A 258 18.32 14.80 12.71
N LEU A 259 18.91 13.73 12.17
CA LEU A 259 20.05 13.06 12.79
C LEU A 259 21.26 13.06 11.86
N ASP A 260 22.43 12.72 12.41
CA ASP A 260 23.67 12.68 11.63
C ASP A 260 23.87 11.37 10.89
N THR A 261 23.04 10.37 11.18
CA THR A 261 23.12 9.08 10.48
C THR A 261 21.72 8.48 10.27
N PHE A 262 21.59 7.71 9.19
CA PHE A 262 20.32 7.09 8.82
C PHE A 262 20.64 5.70 8.29
N MET A 263 20.03 4.69 8.92
CA MET A 263 20.39 3.31 8.64
C MET A 263 19.19 2.54 8.10
N ILE A 264 19.48 1.56 7.25
CA ILE A 264 18.50 0.59 6.80
C ILE A 264 19.08 -0.80 7.03
N VAL A 265 18.24 -1.73 7.43
CA VAL A 265 18.66 -3.12 7.62
C VAL A 265 17.68 -4.04 6.87
N ALA A 266 18.22 -4.85 5.96
CA ALA A 266 17.42 -5.76 5.15
C ALA A 266 17.70 -7.21 5.55
N VAL A 267 16.64 -7.93 5.93
CA VAL A 267 16.76 -9.33 6.32
C VAL A 267 15.67 -10.19 5.68
N PRO A 268 15.96 -11.48 5.44
CA PRO A 268 14.94 -12.36 4.87
C PRO A 268 13.74 -12.64 5.79
N ASP A 269 12.55 -12.69 5.20
CA ASP A 269 11.31 -13.09 5.89
C ASP A 269 10.91 -12.16 7.04
N PHE A 270 11.22 -10.86 6.93
CA PHE A 270 10.82 -9.88 7.94
C PHE A 270 9.31 -9.66 7.90
N ASN A 271 8.65 -10.05 8.98
CA ASN A 271 7.18 -10.13 9.03
C ASN A 271 6.45 -8.85 8.63
N ALA A 272 6.83 -7.72 9.22
CA ALA A 272 6.14 -6.45 8.97
C ALA A 272 6.25 -5.98 7.52
N GLY A 273 7.26 -6.48 6.79
CA GLY A 273 7.49 -6.09 5.40
C GLY A 273 8.41 -4.90 5.36
N ALA A 274 7.99 -3.83 6.04
CA ALA A 274 8.82 -2.65 6.26
C ALA A 274 8.39 -1.97 7.55
N MET A 275 9.34 -1.36 8.26
CA MET A 275 9.01 -0.68 9.52
C MET A 275 9.80 0.61 9.68
N GLU A 276 9.12 1.65 10.16
CA GLU A 276 9.66 3.01 10.17
C GLU A 276 10.48 3.35 11.42
N ASN A 277 11.19 2.39 11.98
CA ASN A 277 11.90 2.64 13.24
C ASN A 277 12.82 3.84 13.07
N LYS A 278 12.77 4.76 14.03
CA LYS A 278 13.44 6.05 13.91
C LYS A 278 14.94 5.91 13.68
N GLY A 279 15.40 6.36 12.51
CA GLY A 279 16.82 6.33 12.15
C GLY A 279 17.33 4.96 11.72
N LEU A 280 16.43 3.97 11.72
CA LEU A 280 16.83 2.58 11.59
C LEU A 280 15.64 1.80 11.04
N ASN A 281 15.35 2.04 9.77
CA ASN A 281 14.26 1.36 9.12
C ASN A 281 14.67 -0.08 8.87
N ILE A 282 13.71 -0.99 8.93
CA ILE A 282 13.97 -2.41 8.72
C ILE A 282 12.99 -2.88 7.66
N PHE A 283 13.51 -3.68 6.73
CA PHE A 283 12.73 -4.15 5.59
C PHE A 283 12.95 -5.62 5.37
N ASN A 284 11.95 -6.27 4.78
CA ASN A 284 12.13 -7.57 4.16
C ASN A 284 13.04 -7.36 2.97
N THR A 285 13.99 -8.27 2.74
CA THR A 285 14.92 -8.11 1.61
C THR A 285 14.23 -8.05 0.25
N LYS A 286 13.13 -8.79 0.09
CA LYS A 286 12.43 -8.85 -1.20
C LYS A 286 11.82 -7.52 -1.63
N TYR A 287 11.58 -6.62 -0.67
CA TYR A 287 10.95 -5.33 -0.97
C TYR A 287 11.93 -4.22 -1.32
N ILE A 288 13.23 -4.41 -1.11
CA ILE A 288 14.24 -3.39 -1.47
C ILE A 288 15.34 -3.83 -2.43
N MET A 289 15.29 -5.07 -2.92
CA MET A 289 16.33 -5.60 -3.79
C MET A 289 15.96 -5.39 -5.26
N ALA A 290 16.95 -5.02 -6.07
CA ALA A 290 16.75 -4.89 -7.50
C ALA A 290 18.08 -4.92 -8.24
N SER A 291 18.19 -5.83 -9.21
CA SER A 291 19.31 -5.86 -10.15
C SER A 291 18.80 -5.35 -11.49
N ASN A 292 19.70 -4.81 -12.31
CA ASN A 292 19.34 -4.30 -13.64
C ASN A 292 18.82 -5.42 -14.55
N LYS A 293 19.40 -6.60 -14.40
CA LYS A 293 19.02 -7.76 -15.20
C LYS A 293 17.61 -8.25 -14.87
N THR A 294 17.26 -8.25 -13.58
CA THR A 294 16.08 -8.96 -13.09
C THR A 294 14.86 -8.08 -12.80
N ALA A 295 15.07 -6.88 -12.27
CA ALA A 295 13.95 -6.02 -11.88
C ALA A 295 13.33 -5.33 -13.08
N THR A 296 11.99 -5.33 -13.13
CA THR A 296 11.26 -4.59 -14.16
C THR A 296 11.12 -3.14 -13.71
N ASP A 297 10.57 -2.29 -14.58
CA ASP A 297 10.36 -0.88 -14.24
C ASP A 297 9.42 -0.76 -13.05
N LYS A 298 8.46 -1.68 -12.97
CA LYS A 298 7.50 -1.72 -11.87
C LYS A 298 8.18 -2.07 -10.54
N ASP A 299 9.13 -3.01 -10.59
CA ASP A 299 9.87 -3.41 -9.40
C ASP A 299 10.67 -2.24 -8.83
N PHE A 300 11.37 -1.53 -9.71
CA PHE A 300 12.13 -0.34 -9.30
C PHE A 300 11.22 0.74 -8.68
N GLU A 301 10.04 0.94 -9.26
CA GLU A 301 9.09 1.94 -8.75
C GLU A 301 8.58 1.61 -7.34
N LEU A 302 8.39 0.32 -7.09
CA LEU A 302 7.92 -0.14 -5.79
C LEU A 302 8.99 -0.03 -4.70
N VAL A 303 10.22 -0.39 -5.04
CA VAL A 303 11.37 -0.22 -4.14
C VAL A 303 11.50 1.24 -3.70
N GLN A 304 11.36 2.14 -4.67
CA GLN A 304 11.38 3.58 -4.43
C GLN A 304 10.26 4.00 -3.48
N SER A 305 9.04 3.55 -3.78
CA SER A 305 7.83 3.86 -2.99
C SER A 305 7.92 3.36 -1.56
N VAL A 306 8.42 2.13 -1.43
CA VAL A 306 8.60 1.48 -0.14
C VAL A 306 9.58 2.27 0.74
N VAL A 307 10.77 2.51 0.19
CA VAL A 307 11.81 3.26 0.91
C VAL A 307 11.29 4.66 1.22
N GLY A 308 10.66 5.29 0.22
CA GLY A 308 10.06 6.60 0.39
C GLY A 308 9.14 6.63 1.59
N HIS A 309 8.12 5.78 1.55
CA HIS A 309 7.08 5.76 2.57
C HIS A 309 7.64 5.73 3.98
N GLU A 310 8.61 4.84 4.21
CA GLU A 310 9.17 4.68 5.54
C GLU A 310 10.01 5.89 5.94
N TYR A 311 10.73 6.50 4.99
CA TYR A 311 11.49 7.72 5.29
C TYR A 311 10.56 8.87 5.70
N PHE A 312 9.40 8.95 5.06
CA PHE A 312 8.45 10.04 5.31
C PHE A 312 7.85 9.96 6.71
N HIS A 313 7.75 8.77 7.27
CA HIS A 313 7.32 8.61 8.68
C HIS A 313 8.21 9.39 9.66
N ASN A 314 9.47 9.60 9.30
CA ASN A 314 10.40 10.34 10.16
C ASN A 314 9.79 11.60 10.76
N TRP A 315 8.99 12.31 9.96
CA TRP A 315 8.26 13.47 10.46
C TRP A 315 6.81 13.12 10.78
N THR A 316 6.12 12.50 9.82
CA THR A 316 4.72 12.13 10.00
C THR A 316 4.59 10.72 10.59
N GLY A 317 4.89 10.60 11.88
CA GLY A 317 4.80 9.33 12.59
C GLY A 317 5.77 9.27 13.74
N ASP A 318 7.03 9.60 13.48
CA ASP A 318 8.08 9.49 14.49
C ASP A 318 8.25 10.80 15.26
N ARG A 319 8.34 11.90 14.53
CA ARG A 319 8.58 13.20 15.14
C ARG A 319 7.28 13.76 15.75
N VAL A 320 6.17 13.59 15.04
CA VAL A 320 4.83 13.77 15.59
C VAL A 320 4.08 12.47 15.35
N THR A 321 3.59 11.86 16.44
CA THR A 321 2.99 10.52 16.38
C THR A 321 1.49 10.51 16.68
N CYS A 322 0.88 9.33 16.66
CA CYS A 322 -0.52 9.17 17.03
C CYS A 322 -0.67 9.02 18.55
N ARG A 323 -1.72 9.63 19.09
CA ARG A 323 -2.02 9.59 20.53
C ARG A 323 -2.48 8.19 20.96
N ASP A 324 -3.32 7.59 20.12
CA ASP A 324 -3.78 6.21 20.31
C ASP A 324 -3.88 5.52 18.95
N TRP A 325 -4.21 4.23 18.94
CA TRP A 325 -4.22 3.46 17.69
C TRP A 325 -5.51 3.60 16.87
N PHE A 326 -6.48 4.37 17.37
CA PHE A 326 -7.67 4.74 16.56
C PHE A 326 -7.27 5.86 15.58
N GLN A 327 -6.20 6.56 15.95
CA GLN A 327 -5.66 7.68 15.21
C GLN A 327 -4.69 7.24 14.09
N LEU A 328 -4.86 6.02 13.60
CA LEU A 328 -3.91 5.43 12.66
C LEU A 328 -4.12 5.93 11.23
N SER A 329 -5.31 6.46 10.93
CA SER A 329 -5.57 7.11 9.63
C SER A 329 -4.84 8.45 9.47
N LEU A 330 -4.28 8.97 10.56
CA LEU A 330 -3.38 10.12 10.54
C LEU A 330 -1.91 9.71 10.42
N LYS A 331 -1.47 8.73 11.21
CA LYS A 331 -0.05 8.32 11.20
C LYS A 331 0.32 7.75 9.83
N GLU A 332 -0.55 6.90 9.30
CA GLU A 332 -0.27 6.25 8.03
C GLU A 332 -0.89 7.00 6.86
N GLY A 333 -2.16 7.39 6.96
CA GLY A 333 -2.84 8.12 5.88
C GLY A 333 -2.07 9.32 5.36
N LEU A 334 -1.55 10.13 6.28
CA LEU A 334 -0.73 11.28 5.93
C LEU A 334 0.55 10.84 5.22
N THR A 335 1.20 9.79 5.75
CA THR A 335 2.43 9.26 5.17
C THR A 335 2.19 8.51 3.86
N VAL A 336 0.98 7.95 3.70
CA VAL A 336 0.57 7.29 2.46
C VAL A 336 0.33 8.36 1.39
N PHE A 337 -0.40 9.40 1.77
CA PHE A 337 -0.62 10.54 0.87
C PHE A 337 0.72 11.08 0.37
N ARG A 338 1.68 11.19 1.29
CA ARG A 338 3.00 11.68 0.93
C ARG A 338 3.74 10.72 -0.01
N ASP A 339 3.71 9.42 0.27
CA ASP A 339 4.39 8.45 -0.60
C ASP A 339 3.78 8.40 -2.00
N GLN A 340 2.48 8.60 -2.11
CA GLN A 340 1.84 8.57 -3.43
C GLN A 340 2.05 9.88 -4.19
N GLU A 341 2.28 10.97 -3.45
CA GLU A 341 2.71 12.24 -4.05
C GLU A 341 4.17 12.22 -4.50
N PHE A 342 5.00 11.53 -3.72
CA PHE A 342 6.42 11.36 -4.03
C PHE A 342 6.57 10.59 -5.32
N THR A 343 5.89 9.45 -5.39
CA THR A 343 5.88 8.64 -6.59
C THR A 343 5.29 9.39 -7.81
N SER A 344 4.28 10.23 -7.57
CA SER A 344 3.64 11.00 -8.65
C SER A 344 4.58 12.03 -9.29
N ASP A 345 5.30 12.78 -8.46
CA ASP A 345 6.25 13.78 -8.94
C ASP A 345 7.41 13.19 -9.73
N LEU A 346 8.04 12.15 -9.20
CA LEU A 346 9.23 11.55 -9.83
C LEU A 346 8.94 10.49 -10.90
N ASN A 347 7.66 10.17 -11.12
CA ASN A 347 7.25 9.28 -12.22
C ASN A 347 6.09 9.93 -12.99
N SER A 348 5.00 9.21 -13.23
CA SER A 348 3.81 9.78 -13.86
C SER A 348 2.69 10.01 -12.84
N ARG A 349 2.28 11.27 -12.69
CA ARG A 349 1.24 11.63 -11.73
C ARG A 349 -0.08 10.93 -12.04
N ASP A 350 -0.47 10.97 -13.31
CA ASP A 350 -1.77 10.48 -13.75
C ASP A 350 -1.92 8.97 -13.57
N VAL A 351 -0.85 8.22 -13.88
CA VAL A 351 -0.86 6.76 -13.75
C VAL A 351 -0.91 6.37 -12.27
N LYS A 352 -0.03 6.96 -11.47
CA LYS A 352 -0.05 6.71 -10.03
C LYS A 352 -1.43 7.00 -9.48
N ARG A 353 -2.05 8.06 -9.96
CA ARG A 353 -3.36 8.48 -9.49
C ARG A 353 -4.46 7.52 -9.94
N ILE A 354 -4.33 6.95 -11.13
CA ILE A 354 -5.26 5.90 -11.57
C ILE A 354 -5.13 4.66 -10.68
N ASP A 355 -3.89 4.22 -10.45
CA ASP A 355 -3.61 3.05 -9.60
C ASP A 355 -4.18 3.19 -8.19
N ASP A 356 -4.11 4.39 -7.62
CA ASP A 356 -4.61 4.64 -6.27
C ASP A 356 -6.14 4.66 -6.23
N VAL A 357 -6.75 5.19 -7.29
CA VAL A 357 -8.22 5.19 -7.41
C VAL A 357 -8.78 3.78 -7.63
N ARG A 358 -8.11 2.99 -8.48
N ARG A 358 -8.11 3.00 -8.47
CA ARG A 358 -8.53 1.61 -8.72
CA ARG A 358 -8.49 1.60 -8.71
C ARG A 358 -8.67 0.82 -7.41
C ARG A 358 -8.68 0.85 -7.40
N ILE A 359 -7.80 1.11 -6.44
CA ILE A 359 -7.88 0.51 -5.10
C ILE A 359 -9.11 0.95 -4.34
N ILE A 360 -9.43 2.25 -4.40
CA ILE A 360 -10.61 2.77 -3.72
C ILE A 360 -11.91 2.23 -4.32
N ARG A 361 -11.98 2.16 -5.64
CA ARG A 361 -13.17 1.63 -6.31
C ARG A 361 -13.30 0.13 -6.19
N SER A 362 -12.17 -0.58 -6.16
CA SER A 362 -12.16 -2.03 -5.96
C SER A 362 -12.34 -2.39 -4.49
N ALA A 363 -11.26 -2.31 -3.71
CA ALA A 363 -11.22 -2.88 -2.36
C ALA A 363 -11.94 -2.04 -1.31
N GLN A 364 -11.71 -0.73 -1.32
CA GLN A 364 -12.24 0.15 -0.28
C GLN A 364 -13.76 0.23 -0.35
N PHE A 365 -14.27 0.49 -1.55
CA PHE A 365 -15.72 0.48 -1.79
C PHE A 365 -16.30 -0.88 -1.42
N ALA A 366 -15.59 -1.96 -1.76
CA ALA A 366 -16.03 -3.31 -1.43
C ALA A 366 -16.07 -3.57 0.08
N GLU A 367 -15.12 -2.98 0.80
CA GLU A 367 -15.08 -3.07 2.27
C GLU A 367 -16.22 -2.27 2.92
N ASP A 368 -16.52 -1.09 2.38
CA ASP A 368 -17.61 -0.26 2.89
C ASP A 368 -19.00 -0.81 2.54
N ALA A 369 -19.05 -1.71 1.56
CA ALA A 369 -20.29 -2.42 1.20
C ALA A 369 -20.50 -3.67 2.06
N SER A 370 -19.43 -4.14 2.70
CA SER A 370 -19.45 -5.39 3.46
C SER A 370 -19.94 -5.19 4.91
N PRO A 371 -20.18 -6.31 5.63
CA PRO A 371 -20.42 -6.26 7.08
C PRO A 371 -19.24 -5.73 7.89
N MET A 372 -18.04 -5.79 7.31
CA MET A 372 -16.83 -5.29 7.96
C MET A 372 -16.67 -3.77 7.85
N SER A 373 -17.65 -3.09 7.25
CA SER A 373 -17.59 -1.64 7.04
C SER A 373 -17.28 -0.87 8.31
N HIS A 374 -16.45 0.17 8.18
CA HIS A 374 -16.08 1.01 9.32
C HIS A 374 -15.62 2.40 8.87
N PRO A 375 -15.58 3.38 9.80
CA PRO A 375 -15.00 4.67 9.47
C PRO A 375 -13.47 4.61 9.51
N ILE A 376 -12.81 5.63 9.00
CA ILE A 376 -11.34 5.67 9.02
C ILE A 376 -10.80 5.84 10.45
N ARG A 377 -11.61 6.45 11.31
CA ARG A 377 -11.36 6.45 12.76
C ARG A 377 -12.52 5.74 13.47
N PRO A 378 -12.37 4.42 13.70
CA PRO A 378 -13.40 3.65 14.42
C PRO A 378 -13.60 4.14 15.86
N GLU A 379 -14.75 3.80 16.44
CA GLU A 379 -15.05 4.10 17.85
C GLU A 379 -14.77 2.89 18.76
N SER A 380 -14.34 1.78 18.16
CA SER A 380 -14.04 0.56 18.91
C SER A 380 -13.14 -0.38 18.12
N TYR A 381 -12.45 -1.27 18.84
CA TYR A 381 -11.73 -2.38 18.21
C TYR A 381 -11.51 -3.56 19.19
N ILE A 382 -11.17 -4.71 18.61
CA ILE A 382 -10.92 -5.95 19.36
C ILE A 382 -9.42 -6.27 19.33
N GLU A 383 -8.88 -6.42 18.12
CA GLU A 383 -7.45 -6.66 17.91
C GLU A 383 -6.89 -5.61 16.94
N MET A 384 -5.58 -5.41 16.97
CA MET A 384 -4.91 -4.41 16.12
C MET A 384 -5.15 -4.58 14.62
N ASN A 385 -5.39 -5.81 14.18
CA ASN A 385 -5.65 -6.10 12.76
C ASN A 385 -6.94 -5.49 12.23
N ASN A 386 -7.84 -5.06 13.13
CA ASN A 386 -9.05 -4.32 12.74
C ASN A 386 -8.72 -2.99 12.07
N PHE A 387 -7.59 -2.40 12.45
CA PHE A 387 -7.14 -1.12 11.90
C PHE A 387 -6.38 -1.22 10.58
N TYR A 388 -5.75 -2.37 10.32
CA TYR A 388 -4.93 -2.53 9.12
C TYR A 388 -5.78 -2.87 7.90
N THR A 389 -6.48 -1.86 7.40
CA THR A 389 -7.45 -2.01 6.32
C THR A 389 -7.29 -0.90 5.30
N VAL A 390 -7.77 -1.15 4.07
CA VAL A 390 -7.74 -0.14 3.01
C VAL A 390 -8.57 1.12 3.36
N THR A 391 -9.66 0.93 4.10
CA THR A 391 -10.41 2.07 4.64
C THR A 391 -9.51 3.00 5.46
N VAL A 392 -8.81 2.44 6.44
CA VAL A 392 -7.99 3.25 7.36
C VAL A 392 -6.78 3.87 6.66
N TYR A 393 -6.11 3.11 5.80
CA TYR A 393 -4.87 3.56 5.14
C TYR A 393 -5.15 4.36 3.88
N ASN A 394 -5.84 3.74 2.94
CA ASN A 394 -6.00 4.28 1.59
C ASN A 394 -7.11 5.33 1.48
N LYS A 395 -8.26 5.10 2.13
CA LYS A 395 -9.27 6.16 2.26
C LYS A 395 -8.82 7.23 3.26
N GLY A 396 -7.91 6.88 4.16
CA GLY A 396 -7.28 7.86 5.04
C GLY A 396 -6.50 8.91 4.27
N ALA A 397 -5.69 8.46 3.31
CA ALA A 397 -4.92 9.35 2.44
C ALA A 397 -5.83 10.21 1.54
N GLU A 398 -6.91 9.63 1.02
CA GLU A 398 -7.89 10.37 0.23
C GLU A 398 -8.46 11.55 1.00
N ILE A 399 -8.68 11.37 2.30
CA ILE A 399 -9.21 12.44 3.14
C ILE A 399 -8.18 13.56 3.29
N ILE A 400 -6.91 13.19 3.42
CA ILE A 400 -5.82 14.16 3.48
C ILE A 400 -5.65 14.87 2.15
N ARG A 401 -5.82 14.12 1.06
CA ARG A 401 -5.79 14.67 -0.29
C ARG A 401 -6.93 15.65 -0.54
N MET A 402 -8.10 15.38 0.04
CA MET A 402 -9.25 16.28 -0.08
C MET A 402 -9.02 17.64 0.56
N ILE A 403 -8.15 17.68 1.59
CA ILE A 403 -7.77 18.94 2.22
C ILE A 403 -6.76 19.67 1.34
N HIS A 404 -5.87 18.92 0.70
CA HIS A 404 -4.97 19.47 -0.30
C HIS A 404 -5.77 20.14 -1.43
N THR A 405 -6.84 19.48 -1.88
CA THR A 405 -7.71 19.99 -2.94
C THR A 405 -8.40 21.29 -2.52
N LEU A 406 -8.87 21.34 -1.28
CA LEU A 406 -9.57 22.52 -0.74
C LEU A 406 -8.65 23.73 -0.54
N LEU A 407 -7.43 23.50 -0.07
CA LEU A 407 -6.51 24.58 0.27
C LEU A 407 -5.53 24.96 -0.85
N GLY A 408 -5.25 24.02 -1.75
CA GLY A 408 -4.17 24.19 -2.72
C GLY A 408 -2.83 23.94 -2.06
N GLU A 409 -1.79 23.77 -2.87
CA GLU A 409 -0.48 23.38 -2.36
C GLU A 409 0.06 24.36 -1.31
N GLU A 410 0.03 25.64 -1.64
CA GLU A 410 0.67 26.65 -0.79
C GLU A 410 0.06 26.66 0.60
N GLY A 411 -1.28 26.64 0.66
CA GLY A 411 -2.01 26.62 1.92
C GLY A 411 -1.93 25.30 2.68
N PHE A 412 -1.76 24.21 1.95
CA PHE A 412 -1.57 22.90 2.55
C PHE A 412 -0.21 22.83 3.24
N GLN A 413 0.83 23.37 2.61
CA GLN A 413 2.16 23.46 3.22
C GLN A 413 2.16 24.42 4.43
N LYS A 414 1.40 25.51 4.34
CA LYS A 414 1.18 26.39 5.50
C LYS A 414 0.60 25.60 6.68
N GLY A 415 -0.29 24.65 6.38
CA GLY A 415 -0.91 23.80 7.39
C GLY A 415 0.04 22.76 7.97
N MET A 416 0.92 22.22 7.12
CA MET A 416 1.98 21.30 7.59
C MET A 416 2.95 22.05 8.49
N LYS A 417 3.40 23.21 8.01
CA LYS A 417 4.29 24.09 8.76
C LYS A 417 3.76 24.32 10.19
N LEU A 418 2.48 24.65 10.31
CA LEU A 418 1.85 24.89 11.63
C LEU A 418 1.65 23.60 12.43
N TYR A 419 1.30 22.53 11.74
CA TYR A 419 1.13 21.22 12.37
C TYR A 419 2.36 20.80 13.18
N PHE A 420 3.55 20.98 12.61
CA PHE A 420 4.80 20.66 13.30
C PHE A 420 5.16 21.70 14.34
N GLU A 421 4.82 22.97 14.09
CA GLU A 421 5.04 24.04 15.07
C GLU A 421 4.31 23.74 16.39
N ARG A 422 3.05 23.36 16.29
CA ARG A 422 2.26 23.01 17.47
C ARG A 422 2.72 21.70 18.12
N HIS A 423 2.96 20.69 17.28
CA HIS A 423 2.96 19.31 17.75
C HIS A 423 4.27 18.53 17.56
N ASP A 424 5.39 19.21 17.37
CA ASP A 424 6.68 18.51 17.38
C ASP A 424 6.89 17.91 18.77
N GLY A 425 7.22 16.62 18.83
CA GLY A 425 7.34 15.89 20.08
C GLY A 425 6.03 15.72 20.82
N GLN A 426 4.94 15.51 20.08
CA GLN A 426 3.61 15.28 20.66
C GLN A 426 2.91 14.12 19.96
N ALA A 427 2.08 13.41 20.72
CA ALA A 427 1.20 12.38 20.18
C ALA A 427 -0.19 12.99 20.08
N VAL A 428 -0.74 13.03 18.87
CA VAL A 428 -1.90 13.86 18.59
C VAL A 428 -3.03 13.11 17.86
N THR A 429 -4.17 13.78 17.73
CA THR A 429 -5.35 13.20 17.10
C THR A 429 -5.59 13.70 15.68
N CYS A 430 -6.49 13.01 14.99
CA CYS A 430 -6.93 13.40 13.64
C CYS A 430 -7.55 14.81 13.64
N ASP A 431 -8.19 15.18 14.75
CA ASP A 431 -8.76 16.52 14.89
C ASP A 431 -7.67 17.59 15.01
N ASP A 432 -6.54 17.25 15.65
CA ASP A 432 -5.41 18.18 15.74
C ASP A 432 -4.82 18.53 14.37
N PHE A 433 -4.82 17.58 13.44
CA PHE A 433 -4.31 17.79 12.10
C PHE A 433 -5.20 18.74 11.32
N VAL A 434 -6.51 18.49 11.39
CA VAL A 434 -7.50 19.32 10.70
C VAL A 434 -7.50 20.76 11.25
N ASN A 435 -7.31 20.90 12.56
CA ASN A 435 -7.25 22.23 13.17
C ASN A 435 -6.07 23.05 12.67
N ALA A 436 -4.90 22.44 12.58
CA ALA A 436 -3.69 23.11 12.06
C ALA A 436 -3.86 23.52 10.60
N MET A 437 -4.50 22.63 9.84
CA MET A 437 -4.80 22.84 8.43
C MET A 437 -5.88 23.93 8.27
N ALA A 438 -6.83 23.94 9.20
CA ALA A 438 -7.88 24.95 9.25
C ALA A 438 -7.32 26.32 9.62
N ASP A 439 -6.64 26.36 10.77
CA ASP A 439 -6.18 27.61 11.37
C ASP A 439 -5.07 28.30 10.58
N ALA A 440 -4.19 27.53 9.96
CA ALA A 440 -3.10 28.09 9.14
C ALA A 440 -3.64 28.80 7.89
N ASN A 441 -4.86 28.45 7.48
CA ASN A 441 -5.50 29.02 6.30
C ASN A 441 -6.79 29.77 6.60
N ASN A 442 -6.95 30.22 7.84
CA ASN A 442 -8.06 31.10 8.20
C ASN A 442 -9.39 30.53 7.70
N ARG A 443 -9.68 29.29 8.10
CA ARG A 443 -10.82 28.55 7.55
C ARG A 443 -11.49 27.65 8.58
N ASP A 444 -12.73 27.27 8.30
CA ASP A 444 -13.53 26.43 9.20
C ASP A 444 -13.80 25.06 8.59
N PHE A 445 -13.14 24.03 9.16
CA PHE A 445 -13.32 22.64 8.73
C PHE A 445 -14.05 21.81 9.79
N SER A 446 -15.12 22.35 10.36
CA SER A 446 -15.89 21.62 11.36
C SER A 446 -16.72 20.50 10.72
N LEU A 447 -17.33 20.80 9.58
CA LEU A 447 -18.15 19.83 8.85
C LEU A 447 -17.29 18.76 8.18
N PHE A 448 -16.07 19.15 7.80
CA PHE A 448 -15.14 18.21 7.20
C PHE A 448 -14.72 17.10 8.18
N LYS A 449 -14.64 17.42 9.46
CA LYS A 449 -14.27 16.43 10.51
C LYS A 449 -15.20 15.20 10.54
N ARG A 450 -16.43 15.39 10.08
CA ARG A 450 -17.42 14.31 9.96
C ARG A 450 -16.96 13.15 9.06
N TRP A 451 -15.97 13.37 8.19
CA TRP A 451 -15.35 12.31 7.38
C TRP A 451 -14.68 11.21 8.23
N TYR A 452 -14.13 11.60 9.38
CA TYR A 452 -13.47 10.65 10.28
C TYR A 452 -14.45 9.72 11.01
N ALA A 453 -15.65 10.23 11.29
CA ALA A 453 -16.66 9.48 12.03
C ALA A 453 -17.58 8.63 11.14
N GLN A 454 -17.87 9.12 9.93
CA GLN A 454 -18.88 8.48 9.07
C GLN A 454 -18.35 7.32 8.21
N SER A 455 -19.09 6.22 8.24
CA SER A 455 -18.77 5.02 7.48
C SER A 455 -19.52 5.02 6.14
N GLY A 456 -19.07 4.17 5.21
CA GLY A 456 -19.75 3.98 3.94
C GLY A 456 -19.36 4.94 2.83
N THR A 457 -19.62 4.51 1.59
CA THR A 457 -19.35 5.29 0.38
C THR A 457 -20.54 6.19 0.07
N PRO A 458 -20.32 7.51 -0.07
CA PRO A 458 -21.42 8.37 -0.51
C PRO A 458 -21.73 8.27 -2.00
N ASN A 459 -23.03 8.30 -2.33
CA ASN A 459 -23.50 8.28 -3.72
C ASN A 459 -23.93 9.68 -4.14
N ILE A 460 -23.37 10.17 -5.24
CA ILE A 460 -23.67 11.51 -5.73
C ILE A 460 -24.58 11.45 -6.95
N LYS A 461 -25.81 11.95 -6.79
CA LYS A 461 -26.76 12.05 -7.88
C LYS A 461 -26.56 13.40 -8.58
N VAL A 462 -26.30 13.37 -9.88
CA VAL A 462 -26.06 14.59 -10.65
C VAL A 462 -27.24 14.90 -11.55
N SER A 463 -27.66 16.17 -11.51
CA SER A 463 -28.76 16.67 -12.34
C SER A 463 -28.39 18.08 -12.81
N GLU A 464 -28.86 18.45 -13.99
CA GLU A 464 -28.47 19.73 -14.59
C GLU A 464 -29.48 20.28 -15.59
N ASN A 465 -29.44 21.60 -15.78
CA ASN A 465 -30.35 22.31 -16.68
C ASN A 465 -29.65 23.51 -17.32
N TYR A 466 -30.03 23.83 -18.56
CA TYR A 466 -29.46 24.95 -19.29
C TYR A 466 -30.55 25.90 -19.79
N ASP A 467 -30.19 27.18 -19.89
CA ASP A 467 -31.10 28.21 -20.41
C ASP A 467 -30.40 28.90 -21.59
N ALA A 468 -30.96 28.75 -22.79
CA ALA A 468 -30.35 29.25 -24.02
C ALA A 468 -30.20 30.77 -24.03
N SER A 469 -31.27 31.47 -23.65
CA SER A 469 -31.33 32.93 -23.73
C SER A 469 -30.39 33.63 -22.75
N SER A 470 -30.56 33.36 -21.46
CA SER A 470 -29.82 34.04 -20.41
C SER A 470 -28.37 33.57 -20.26
N GLN A 471 -28.02 32.47 -20.94
CA GLN A 471 -26.65 31.94 -20.97
C GLN A 471 -26.20 31.47 -19.58
N THR A 472 -27.02 30.64 -18.95
CA THR A 472 -26.79 30.18 -17.59
C THR A 472 -26.93 28.65 -17.47
N TYR A 473 -25.88 28.01 -16.97
CA TYR A 473 -25.88 26.57 -16.70
C TYR A 473 -26.17 26.33 -15.22
N SER A 474 -27.13 25.45 -14.92
CA SER A 474 -27.60 25.21 -13.56
C SER A 474 -27.31 23.77 -13.11
N LEU A 475 -26.19 23.58 -12.42
CA LEU A 475 -25.80 22.25 -11.92
C LEU A 475 -26.26 22.06 -10.48
N THR A 476 -27.05 21.01 -10.26
CA THR A 476 -27.49 20.63 -8.91
C THR A 476 -26.95 19.25 -8.54
N LEU A 477 -26.49 19.12 -7.30
CA LEU A 477 -25.87 17.89 -6.80
C LEU A 477 -26.58 17.44 -5.53
N GLU A 478 -26.66 16.13 -5.32
CA GLU A 478 -27.30 15.56 -4.15
C GLU A 478 -26.54 14.35 -3.60
N GLN A 479 -25.90 14.56 -2.45
CA GLN A 479 -25.14 13.50 -1.79
C GLN A 479 -26.04 12.69 -0.84
N THR A 480 -26.05 11.38 -1.04
CA THR A 480 -26.82 10.47 -0.21
C THR A 480 -25.96 9.24 0.09
N THR A 481 -25.87 8.87 1.36
CA THR A 481 -25.06 7.74 1.79
C THR A 481 -25.91 6.81 2.67
N LEU A 482 -26.01 5.55 2.25
CA LEU A 482 -26.95 4.60 2.84
C LEU A 482 -26.47 4.07 4.20
N PRO A 483 -27.40 3.52 5.01
CA PRO A 483 -27.02 2.90 6.27
C PRO A 483 -26.11 1.69 6.09
N THR A 484 -25.20 1.47 7.04
CA THR A 484 -24.28 0.34 7.05
C THR A 484 -24.49 -0.53 8.30
N ALA A 485 -23.80 -1.65 8.36
CA ALA A 485 -23.87 -2.55 9.51
C ALA A 485 -23.41 -1.88 10.81
N ASP A 486 -22.33 -1.10 10.73
CA ASP A 486 -21.74 -0.44 11.90
C ASP A 486 -22.56 0.76 12.40
N GLN A 487 -23.21 1.48 11.47
CA GLN A 487 -24.12 2.57 11.84
C GLN A 487 -25.08 2.91 10.69
N LYS A 488 -26.31 3.25 11.07
CA LYS A 488 -27.36 3.58 10.10
C LYS A 488 -27.66 5.08 9.98
N GLU A 489 -27.29 5.84 11.02
CA GLU A 489 -27.42 7.30 11.00
C GLU A 489 -26.31 7.95 10.14
N LYS A 490 -26.72 8.83 9.22
CA LYS A 490 -25.80 9.44 8.26
C LYS A 490 -26.06 10.95 8.08
N GLN A 491 -25.09 11.65 7.48
CA GLN A 491 -25.12 13.11 7.37
C GLN A 491 -24.52 13.64 6.06
N ALA A 492 -24.72 14.94 5.83
CA ALA A 492 -24.14 15.64 4.69
C ALA A 492 -22.68 16.01 4.96
N LEU A 493 -21.77 15.42 4.19
CA LEU A 493 -20.34 15.68 4.32
C LEU A 493 -19.89 16.92 3.53
N HIS A 494 -18.63 17.29 3.73
CA HIS A 494 -17.98 18.35 2.98
C HIS A 494 -17.30 17.72 1.77
N ILE A 495 -17.89 17.89 0.59
CA ILE A 495 -17.35 17.29 -0.66
C ILE A 495 -16.74 18.36 -1.54
N PRO A 496 -15.44 18.24 -1.87
CA PRO A 496 -14.83 19.09 -2.89
C PRO A 496 -15.01 18.50 -4.28
N VAL A 497 -15.55 19.30 -5.20
CA VAL A 497 -15.77 18.89 -6.58
C VAL A 497 -14.88 19.70 -7.52
N LYS A 498 -13.73 19.14 -7.88
CA LYS A 498 -12.81 19.76 -8.83
C LYS A 498 -13.38 19.58 -10.23
N MET A 499 -13.57 20.69 -10.94
CA MET A 499 -14.38 20.67 -12.16
C MET A 499 -14.00 21.72 -13.19
N GLY A 500 -14.62 21.57 -14.37
CA GLY A 500 -14.49 22.54 -15.45
C GLY A 500 -15.66 22.37 -16.41
N LEU A 501 -15.81 23.30 -17.33
CA LEU A 501 -16.82 23.19 -18.38
C LEU A 501 -16.12 23.15 -19.74
N ILE A 502 -16.67 22.37 -20.66
CA ILE A 502 -16.14 22.26 -22.01
C ILE A 502 -17.24 22.59 -23.01
N ASN A 503 -17.08 23.70 -23.72
CA ASN A 503 -18.05 24.10 -24.76
C ASN A 503 -17.80 23.31 -26.05
N PRO A 504 -18.72 23.43 -27.05
CA PRO A 504 -18.56 22.63 -28.29
C PRO A 504 -17.26 22.89 -29.06
N GLU A 505 -16.66 24.06 -28.83
CA GLU A 505 -15.35 24.38 -29.39
C GLU A 505 -14.28 23.46 -28.84
N GLY A 506 -14.31 23.27 -27.52
CA GLY A 506 -13.29 22.47 -26.82
C GLY A 506 -12.51 23.25 -25.79
N LYS A 507 -12.78 24.55 -25.65
CA LYS A 507 -12.12 25.39 -24.66
C LYS A 507 -12.60 25.02 -23.26
N ASN A 508 -11.70 25.08 -22.28
CA ASN A 508 -12.04 24.76 -20.90
C ASN A 508 -12.36 26.02 -20.08
N ILE A 509 -13.64 26.15 -19.73
CA ILE A 509 -14.16 27.33 -19.08
C ILE A 509 -14.49 27.05 -17.62
N ALA A 510 -14.45 28.10 -16.79
CA ALA A 510 -14.95 28.04 -15.41
C ALA A 510 -14.22 27.02 -14.53
N GLU A 511 -12.91 26.86 -14.76
CA GLU A 511 -12.12 25.88 -14.03
C GLU A 511 -11.88 26.32 -12.58
N GLN A 512 -12.45 25.56 -11.64
CA GLN A 512 -12.32 25.85 -10.21
C GLN A 512 -12.68 24.61 -9.39
N VAL A 513 -12.57 24.74 -8.07
CA VAL A 513 -13.07 23.73 -7.13
C VAL A 513 -14.30 24.31 -6.43
N ILE A 514 -15.43 23.61 -6.52
CA ILE A 514 -16.63 23.99 -5.78
C ILE A 514 -16.89 22.98 -4.65
N GLU A 515 -17.72 23.38 -3.70
CA GLU A 515 -17.91 22.61 -2.47
C GLU A 515 -19.38 22.23 -2.26
N LEU A 516 -19.60 21.02 -1.78
CA LEU A 516 -20.93 20.54 -1.42
C LEU A 516 -20.98 20.23 0.07
N LYS A 517 -21.49 21.19 0.84
CA LYS A 517 -21.55 21.08 2.30
C LYS A 517 -22.99 20.80 2.78
N GLU A 518 -23.81 20.24 1.91
CA GLU A 518 -25.25 20.18 2.14
C GLU A 518 -25.83 18.93 1.48
N GLN A 519 -27.02 18.52 1.93
CA GLN A 519 -27.73 17.39 1.33
C GLN A 519 -28.01 17.62 -0.15
N LYS A 520 -28.44 18.84 -0.49
CA LYS A 520 -28.68 19.25 -1.87
C LYS A 520 -28.26 20.71 -2.05
N GLN A 521 -27.65 21.02 -3.19
CA GLN A 521 -27.13 22.36 -3.47
C GLN A 521 -26.95 22.59 -4.98
N THR A 522 -27.52 23.68 -5.48
CA THR A 522 -27.42 24.04 -6.90
C THR A 522 -26.37 25.12 -7.09
N TYR A 523 -25.70 25.09 -8.25
CA TYR A 523 -24.62 26.04 -8.57
C TYR A 523 -24.88 26.67 -9.93
N THR A 524 -24.90 28.00 -9.97
CA THR A 524 -25.22 28.74 -11.20
C THR A 524 -23.97 29.34 -11.86
N PHE A 525 -23.87 29.15 -13.18
CA PHE A 525 -22.77 29.70 -13.98
C PHE A 525 -23.34 30.60 -15.08
N GLU A 526 -23.13 31.90 -14.94
CA GLU A 526 -23.64 32.88 -15.91
C GLU A 526 -22.67 33.07 -17.07
N ASN A 527 -23.15 33.72 -18.12
CA ASN A 527 -22.36 34.04 -19.31
C ASN A 527 -21.78 32.82 -20.02
N ILE A 528 -22.59 31.78 -20.16
CA ILE A 528 -22.20 30.56 -20.86
C ILE A 528 -22.91 30.52 -22.20
N ALA A 529 -22.18 30.86 -23.26
CA ALA A 529 -22.74 31.04 -24.60
C ALA A 529 -23.25 29.74 -25.23
N ALA A 530 -22.69 28.60 -24.82
CA ALA A 530 -23.02 27.31 -25.43
C ALA A 530 -23.32 26.24 -24.36
N LYS A 531 -24.30 25.39 -24.64
CA LYS A 531 -24.65 24.26 -23.76
C LYS A 531 -23.45 23.33 -23.59
N PRO A 532 -22.79 23.38 -22.43
CA PRO A 532 -21.53 22.67 -22.28
C PRO A 532 -21.71 21.27 -21.72
N VAL A 533 -20.65 20.47 -21.81
CA VAL A 533 -20.55 19.20 -21.10
C VAL A 533 -19.61 19.41 -19.92
N ALA A 534 -19.97 18.85 -18.76
CA ALA A 534 -19.25 19.12 -17.52
C ALA A 534 -18.15 18.08 -17.27
N SER A 535 -16.98 18.58 -16.87
CA SER A 535 -15.88 17.75 -16.40
C SER A 535 -15.92 17.77 -14.87
N LEU A 536 -16.28 16.65 -14.26
CA LEU A 536 -16.61 16.61 -12.83
C LEU A 536 -15.76 15.61 -12.04
N PHE A 537 -15.47 15.97 -10.79
CA PHE A 537 -14.62 15.17 -9.90
C PHE A 537 -13.29 14.82 -10.57
N ARG A 538 -12.58 15.87 -10.97
CA ARG A 538 -11.28 15.73 -11.62
C ARG A 538 -10.24 15.16 -10.65
N ASP A 539 -9.48 14.19 -11.13
CA ASP A 539 -8.50 13.45 -10.30
C ASP A 539 -9.16 12.73 -9.12
N PHE A 540 -10.43 12.35 -9.29
CA PHE A 540 -11.20 11.66 -8.23
C PHE A 540 -11.13 12.49 -6.94
N SER A 541 -11.66 13.70 -7.02
CA SER A 541 -11.49 14.70 -5.95
C SER A 541 -12.09 14.26 -4.61
N ALA A 542 -13.13 13.44 -4.66
CA ALA A 542 -13.74 12.86 -3.47
C ALA A 542 -13.99 11.35 -3.66
N PRO A 543 -13.85 10.55 -2.59
CA PRO A 543 -14.10 9.10 -2.66
C PRO A 543 -15.58 8.74 -2.64
N VAL A 544 -16.22 8.92 -3.80
CA VAL A 544 -17.68 8.76 -3.93
C VAL A 544 -18.05 8.04 -5.23
N LYS A 545 -19.22 7.40 -5.22
CA LYS A 545 -19.87 6.95 -6.47
C LYS A 545 -20.57 8.14 -7.08
N VAL A 546 -20.65 8.15 -8.41
CA VAL A 546 -21.20 9.30 -9.13
C VAL A 546 -22.22 8.85 -10.16
N GLU A 547 -23.50 9.12 -9.88
CA GLU A 547 -24.58 8.89 -10.83
C GLU A 547 -24.71 10.11 -11.73
N HIS A 548 -24.19 10.00 -12.95
CA HIS A 548 -24.30 11.06 -13.94
C HIS A 548 -24.62 10.42 -15.29
N LYS A 549 -25.91 10.29 -15.56
CA LYS A 549 -26.38 9.72 -16.82
C LYS A 549 -26.14 10.72 -17.94
N ARG A 550 -25.41 10.29 -18.97
CA ARG A 550 -25.16 11.12 -20.15
C ARG A 550 -24.72 10.29 -21.36
N SER A 551 -24.84 10.91 -22.55
CA SER A 551 -24.64 10.22 -23.82
C SER A 551 -23.18 9.89 -24.12
N GLU A 552 -22.97 9.02 -25.10
CA GLU A 552 -21.62 8.63 -25.54
C GLU A 552 -20.87 9.80 -26.16
N LYS A 553 -21.57 10.69 -26.86
CA LYS A 553 -20.94 11.86 -27.48
C LYS A 553 -20.46 12.87 -26.44
N ASP A 554 -21.20 13.00 -25.34
CA ASP A 554 -20.78 13.84 -24.22
C ASP A 554 -19.49 13.31 -23.58
N LEU A 555 -19.42 11.99 -23.39
CA LEU A 555 -18.20 11.36 -22.89
C LEU A 555 -17.07 11.44 -23.92
N LEU A 556 -17.42 11.30 -25.19
CA LEU A 556 -16.45 11.39 -26.28
C LEU A 556 -15.87 12.81 -26.41
N HIS A 557 -16.67 13.81 -26.06
CA HIS A 557 -16.21 15.20 -26.02
C HIS A 557 -15.23 15.43 -24.86
N ILE A 558 -15.52 14.82 -23.71
CA ILE A 558 -14.62 14.89 -22.55
C ILE A 558 -13.31 14.18 -22.87
N VAL A 559 -13.38 13.05 -23.55
CA VAL A 559 -12.19 12.31 -23.96
C VAL A 559 -11.32 13.13 -24.93
N LYS A 560 -11.97 13.95 -25.76
CA LYS A 560 -11.27 14.70 -26.80
C LYS A 560 -10.64 16.02 -26.33
N TYR A 561 -11.39 16.81 -25.55
CA TYR A 561 -11.02 18.20 -25.27
C TYR A 561 -10.68 18.56 -23.81
N ASP A 562 -10.97 17.67 -22.86
CA ASP A 562 -10.79 17.98 -21.43
C ASP A 562 -9.30 18.09 -21.06
N ASN A 563 -8.96 19.16 -20.32
CA ASN A 563 -7.61 19.34 -19.79
C ASN A 563 -7.21 18.20 -18.85
N ASN A 564 -8.16 17.79 -18.01
CA ASN A 564 -7.91 16.79 -16.96
C ASN A 564 -7.65 15.38 -17.52
N ALA A 565 -6.39 14.97 -17.46
CA ALA A 565 -5.96 13.64 -17.93
C ALA A 565 -6.77 12.50 -17.30
N PHE A 566 -7.08 12.61 -16.02
CA PHE A 566 -7.82 11.56 -15.33
C PHE A 566 -9.20 11.37 -15.93
N ASN A 567 -9.98 12.46 -16.02
CA ASN A 567 -11.34 12.38 -16.55
C ASN A 567 -11.39 11.91 -18.00
N ARG A 568 -10.29 12.09 -18.73
CA ARG A 568 -10.18 11.56 -20.09
C ARG A 568 -10.13 10.03 -20.05
N TRP A 569 -9.24 9.49 -19.24
CA TRP A 569 -9.18 8.05 -18.98
C TRP A 569 -10.51 7.54 -18.40
N ASP A 570 -11.05 8.25 -17.41
CA ASP A 570 -12.24 7.79 -16.70
C ASP A 570 -13.44 7.71 -17.63
N SER A 571 -13.61 8.70 -18.48
CA SER A 571 -14.72 8.75 -19.44
C SER A 571 -14.55 7.73 -20.56
N LEU A 572 -13.32 7.46 -20.96
CA LEU A 572 -13.05 6.47 -22.00
C LEU A 572 -13.29 5.03 -21.50
N GLN A 573 -12.88 4.77 -20.25
CA GLN A 573 -13.12 3.46 -19.63
C GLN A 573 -14.61 3.25 -19.38
N GLN A 574 -15.36 4.33 -19.16
CA GLN A 574 -16.80 4.26 -18.95
C GLN A 574 -17.55 3.92 -20.24
N ILE A 575 -17.04 4.42 -21.35
CA ILE A 575 -17.62 4.14 -22.67
C ILE A 575 -17.38 2.69 -23.07
N ALA A 576 -16.11 2.29 -23.07
CA ALA A 576 -15.71 0.93 -23.42
C ALA A 576 -16.43 -0.13 -22.58
N THR A 577 -16.65 0.16 -21.30
CA THR A 577 -17.37 -0.73 -20.41
C THR A 577 -18.84 -0.87 -20.80
N ASN A 578 -19.49 0.25 -21.11
CA ASN A 578 -20.89 0.25 -21.53
C ASN A 578 -21.10 -0.40 -22.91
N ILE A 579 -20.09 -0.33 -23.77
CA ILE A 579 -20.09 -1.06 -25.04
C ILE A 579 -20.11 -2.57 -24.81
N ILE A 580 -19.32 -3.02 -23.85
CA ILE A 580 -19.16 -4.45 -23.57
C ILE A 580 -20.46 -5.05 -23.04
N LEU A 581 -21.08 -4.38 -22.09
CA LEU A 581 -22.31 -4.86 -21.44
C LEU A 581 -23.49 -4.94 -22.39
N ASN A 582 -23.54 -4.04 -23.37
CA ASN A 582 -24.57 -4.07 -24.40
C ASN A 582 -24.25 -5.08 -25.52
N ASN A 583 -23.14 -5.81 -25.40
CA ASN A 583 -22.68 -6.72 -26.46
C ASN A 583 -22.61 -5.99 -27.79
N ALA A 584 -22.23 -4.72 -27.74
CA ALA A 584 -22.35 -3.82 -28.88
C ALA A 584 -21.10 -3.87 -29.77
N ASP A 585 -21.29 -3.58 -31.06
CA ASP A 585 -20.19 -3.41 -31.99
C ASP A 585 -19.52 -2.06 -31.74
N LEU A 586 -18.37 -1.86 -32.35
CA LEU A 586 -17.54 -0.69 -32.09
C LEU A 586 -17.97 0.52 -32.92
N ASN A 587 -18.26 1.63 -32.24
CA ASN A 587 -18.72 2.86 -32.88
C ASN A 587 -17.64 3.48 -33.78
N ASP A 588 -18.08 4.21 -34.81
CA ASP A 588 -17.16 4.86 -35.75
C ASP A 588 -16.49 6.09 -35.11
N GLU A 589 -17.28 6.90 -34.40
CA GLU A 589 -16.75 8.07 -33.71
C GLU A 589 -15.87 7.68 -32.53
N PHE A 590 -16.13 6.49 -31.98
CA PHE A 590 -15.29 5.91 -30.92
C PHE A 590 -13.89 5.58 -31.44
N LEU A 591 -13.84 4.84 -32.54
CA LEU A 591 -12.57 4.47 -33.18
C LEU A 591 -11.64 5.66 -33.41
N ASN A 592 -12.20 6.78 -33.84
CA ASN A 592 -11.40 7.95 -34.21
C ASN A 592 -10.93 8.74 -33.00
N ALA A 593 -11.71 8.74 -31.92
CA ALA A 593 -11.25 9.29 -30.64
C ALA A 593 -10.14 8.41 -30.05
N PHE A 594 -10.28 7.11 -30.24
CA PHE A 594 -9.28 6.12 -29.83
C PHE A 594 -7.98 6.29 -30.62
N LYS A 595 -8.12 6.51 -31.93
CA LYS A 595 -6.99 6.74 -32.83
C LYS A 595 -6.20 8.00 -32.46
N SER A 596 -6.90 9.07 -32.12
CA SER A 596 -6.27 10.36 -31.83
C SER A 596 -5.48 10.32 -30.53
N ILE A 597 -6.03 9.63 -29.53
CA ILE A 597 -5.33 9.40 -28.28
C ILE A 597 -4.03 8.64 -28.55
N LEU A 598 -4.12 7.61 -29.39
CA LEU A 598 -2.97 6.78 -29.74
C LEU A 598 -1.84 7.56 -30.40
N HIS A 599 -2.19 8.55 -31.22
CA HIS A 599 -1.19 9.36 -31.92
C HIS A 599 -0.92 10.72 -31.28
N ASP A 600 -1.38 10.92 -30.05
CA ASP A 600 -1.15 12.18 -29.35
C ASP A 600 0.34 12.28 -28.99
N LYS A 601 0.96 13.37 -29.44
CA LYS A 601 2.40 13.55 -29.33
C LYS A 601 2.81 14.26 -28.04
N ASP A 602 1.92 15.09 -27.50
CA ASP A 602 2.16 15.81 -26.25
C ASP A 602 1.18 15.36 -25.17
N LEU A 603 1.42 14.15 -24.67
CA LEU A 603 0.61 13.57 -23.61
C LEU A 603 1.41 12.40 -23.03
N ASP A 604 1.43 12.28 -21.70
CA ASP A 604 2.18 11.21 -21.04
C ASP A 604 1.86 9.88 -21.71
N LYS A 605 2.90 9.25 -22.26
CA LYS A 605 2.76 8.03 -23.03
C LYS A 605 2.32 6.84 -22.16
N ALA A 606 2.59 6.94 -20.86
CA ALA A 606 2.13 5.94 -19.90
C ALA A 606 0.63 6.08 -19.68
N LEU A 607 0.16 7.33 -19.56
CA LEU A 607 -1.27 7.62 -19.47
C LEU A 607 -2.03 7.11 -20.70
N ILE A 608 -1.42 7.28 -21.87
CA ILE A 608 -1.97 6.72 -23.11
C ILE A 608 -2.13 5.20 -22.97
N SER A 609 -1.10 4.53 -22.46
CA SER A 609 -1.14 3.07 -22.26
C SER A 609 -2.30 2.61 -21.37
N ASN A 610 -2.62 3.37 -20.34
CA ASN A 610 -3.72 3.04 -19.42
C ASN A 610 -5.08 3.26 -20.06
N ALA A 611 -5.24 4.37 -20.78
CA ALA A 611 -6.49 4.71 -21.44
C ALA A 611 -6.81 3.77 -22.60
N LEU A 612 -5.78 3.29 -23.30
CA LEU A 612 -5.97 2.44 -24.47
C LEU A 612 -6.13 0.95 -24.14
N LEU A 613 -5.78 0.56 -22.92
CA LEU A 613 -5.97 -0.83 -22.51
C LEU A 613 -7.42 -1.01 -22.03
N ILE A 614 -8.15 -1.90 -22.69
CA ILE A 614 -9.56 -2.15 -22.39
C ILE A 614 -9.67 -2.76 -20.98
N PRO A 615 -10.64 -2.28 -20.16
CA PRO A 615 -10.77 -2.80 -18.79
C PRO A 615 -10.80 -4.32 -18.76
N ILE A 616 -10.00 -4.92 -17.88
CA ILE A 616 -10.00 -6.37 -17.70
C ILE A 616 -11.37 -6.87 -17.19
N GLU A 617 -11.60 -8.17 -17.38
CA GLU A 617 -12.92 -8.75 -17.22
C GLU A 617 -13.44 -8.66 -15.78
N SER A 618 -12.54 -8.82 -14.81
CA SER A 618 -12.89 -8.73 -13.40
C SER A 618 -13.37 -7.32 -13.01
N THR A 619 -12.83 -6.30 -13.68
CA THR A 619 -13.25 -4.91 -13.45
C THR A 619 -14.66 -4.69 -14.01
N ILE A 620 -14.89 -5.15 -15.23
CA ILE A 620 -16.21 -5.03 -15.85
C ILE A 620 -17.27 -5.76 -15.01
N ALA A 621 -16.89 -6.92 -14.45
CA ALA A 621 -17.77 -7.71 -13.60
C ALA A 621 -18.25 -6.96 -12.34
N GLU A 622 -17.46 -5.99 -11.87
CA GLU A 622 -17.84 -5.17 -10.72
C GLU A 622 -19.08 -4.30 -11.01
N ALA A 623 -19.37 -4.04 -12.28
CA ALA A 623 -20.57 -3.30 -12.67
C ALA A 623 -21.84 -4.15 -12.49
N MET A 624 -21.69 -5.46 -12.63
CA MET A 624 -22.83 -6.37 -12.68
C MET A 624 -23.24 -6.82 -11.28
N ARG A 625 -24.55 -7.00 -11.09
CA ARG A 625 -25.09 -7.52 -9.84
C ARG A 625 -24.92 -9.05 -9.82
N VAL A 626 -25.29 -9.69 -10.92
CA VAL A 626 -25.02 -11.11 -11.14
C VAL A 626 -23.98 -11.21 -12.26
N ILE A 627 -22.79 -11.70 -11.91
CA ILE A 627 -21.66 -11.73 -12.86
C ILE A 627 -21.88 -12.77 -13.95
N MET A 628 -22.18 -12.29 -15.16
CA MET A 628 -22.34 -13.17 -16.32
C MET A 628 -20.98 -13.35 -16.95
N VAL A 629 -20.28 -14.41 -16.57
CA VAL A 629 -18.87 -14.58 -16.90
C VAL A 629 -18.63 -14.72 -18.41
N ASP A 630 -19.38 -15.60 -19.05
CA ASP A 630 -19.19 -15.86 -20.48
C ASP A 630 -19.63 -14.69 -21.36
N ASP A 631 -20.68 -13.96 -20.94
CA ASP A 631 -21.09 -12.73 -21.62
C ASP A 631 -19.93 -11.73 -21.66
N ILE A 632 -19.28 -11.55 -20.50
CA ILE A 632 -18.16 -10.61 -20.40
C ILE A 632 -17.00 -11.00 -21.32
N VAL A 633 -16.46 -12.20 -21.17
CA VAL A 633 -15.26 -12.58 -21.94
C VAL A 633 -15.47 -12.49 -23.45
N LEU A 634 -16.61 -12.98 -23.95
CA LEU A 634 -16.85 -13.01 -25.40
C LEU A 634 -17.01 -11.60 -25.98
N SER A 635 -17.67 -10.73 -25.22
CA SER A 635 -17.89 -9.36 -25.64
C SER A 635 -16.60 -8.53 -25.65
N ARG A 636 -15.74 -8.77 -24.65
CA ARG A 636 -14.44 -8.09 -24.57
C ARG A 636 -13.47 -8.59 -25.62
N LYS A 637 -13.49 -9.89 -25.88
CA LYS A 637 -12.67 -10.47 -26.92
C LYS A 637 -13.05 -9.86 -28.27
N ASN A 638 -14.35 -9.61 -28.46
CA ASN A 638 -14.88 -9.04 -29.69
C ASN A 638 -14.39 -7.63 -29.96
N VAL A 639 -14.52 -6.73 -28.98
CA VAL A 639 -14.08 -5.34 -29.17
C VAL A 639 -12.57 -5.22 -29.27
N VAL A 640 -11.84 -6.01 -28.46
CA VAL A 640 -10.38 -6.00 -28.50
C VAL A 640 -9.87 -6.49 -29.84
N ASN A 641 -10.54 -7.50 -30.40
CA ASN A 641 -10.21 -7.99 -31.74
C ASN A 641 -10.48 -6.96 -32.85
N GLN A 642 -11.57 -6.19 -32.70
CA GLN A 642 -11.89 -5.15 -33.68
C GLN A 642 -10.83 -4.05 -33.71
N LEU A 643 -10.52 -3.50 -32.55
CA LEU A 643 -9.49 -2.45 -32.44
C LEU A 643 -8.15 -2.93 -32.99
N ALA A 644 -7.80 -4.18 -32.68
CA ALA A 644 -6.58 -4.80 -33.17
C ALA A 644 -6.49 -4.80 -34.70
N ASP A 645 -7.62 -5.10 -35.35
CA ASP A 645 -7.69 -5.26 -36.81
C ASP A 645 -7.87 -3.95 -37.56
N LYS A 646 -8.81 -3.12 -37.10
CA LYS A 646 -9.07 -1.84 -37.75
C LYS A 646 -7.88 -0.89 -37.63
N LEU A 647 -7.33 -0.76 -36.43
CA LEU A 647 -6.16 0.10 -36.19
C LEU A 647 -4.84 -0.68 -36.25
N LYS A 648 -4.80 -1.74 -37.06
CA LYS A 648 -3.62 -2.62 -37.11
C LYS A 648 -2.35 -1.88 -37.54
N ASP A 649 -2.46 -1.04 -38.56
CA ASP A 649 -1.33 -0.25 -39.06
C ASP A 649 -0.84 0.74 -38.00
N ASP A 650 -1.77 1.28 -37.23
CA ASP A 650 -1.44 2.26 -36.17
C ASP A 650 -0.66 1.61 -35.03
N TRP A 651 -1.13 0.44 -34.59
CA TRP A 651 -0.44 -0.32 -33.53
C TRP A 651 0.99 -0.62 -33.93
N LEU A 652 1.18 -1.04 -35.18
CA LEU A 652 2.50 -1.34 -35.73
C LEU A 652 3.40 -0.10 -35.80
N ALA A 653 2.83 1.02 -36.23
CA ALA A 653 3.59 2.27 -36.36
C ALA A 653 4.09 2.78 -35.02
N VAL A 654 3.17 2.91 -34.07
CA VAL A 654 3.51 3.38 -32.74
C VAL A 654 4.42 2.39 -32.00
N TYR A 655 4.28 1.10 -32.27
CA TYR A 655 5.20 0.13 -31.70
C TYR A 655 6.62 0.46 -32.13
N GLN A 656 6.84 0.54 -33.44
CA GLN A 656 8.19 0.75 -33.97
C GLN A 656 8.72 2.16 -33.71
N GLN A 657 7.84 3.10 -33.39
CA GLN A 657 8.28 4.43 -32.95
C GLN A 657 8.58 4.48 -31.44
N CYS A 658 8.04 3.53 -30.68
CA CYS A 658 8.40 3.34 -29.27
C CYS A 658 9.59 2.36 -29.11
N ASN A 659 9.78 1.49 -30.09
CA ASN A 659 10.84 0.47 -30.07
C ASN A 659 12.17 1.07 -30.50
N ASP A 660 12.71 1.95 -29.66
CA ASP A 660 13.94 2.68 -29.99
C ASP A 660 15.17 1.86 -29.58
N ASN A 661 16.35 2.40 -29.85
CA ASN A 661 17.60 1.66 -29.71
C ASN A 661 18.53 2.25 -28.62
N LYS A 662 17.94 2.92 -27.64
CA LYS A 662 18.71 3.53 -26.56
C LYS A 662 19.08 2.49 -25.50
N PRO A 663 20.18 2.75 -24.78
CA PRO A 663 20.54 1.91 -23.63
C PRO A 663 19.48 2.03 -22.52
N TYR A 664 19.29 0.96 -21.75
CA TYR A 664 18.28 0.92 -20.69
C TYR A 664 18.50 2.02 -19.64
N SER A 665 17.40 2.61 -19.19
CA SER A 665 17.42 3.73 -18.27
C SER A 665 16.08 3.81 -17.56
N LEU A 666 16.08 4.44 -16.39
CA LEU A 666 14.87 4.61 -15.60
C LEU A 666 14.29 6.03 -15.66
N SER A 667 14.49 6.71 -16.79
CA SER A 667 13.85 7.99 -17.03
C SER A 667 12.37 7.76 -17.31
N ALA A 668 11.53 8.67 -16.84
CA ALA A 668 10.07 8.54 -16.99
C ALA A 668 9.61 8.41 -18.46
N GLU A 669 10.39 8.97 -19.38
CA GLU A 669 10.09 8.90 -20.81
C GLU A 669 10.38 7.51 -21.37
N GLN A 670 11.53 6.94 -21.01
CA GLN A 670 11.91 5.58 -21.43
C GLN A 670 10.99 4.52 -20.84
N ILE A 671 10.54 4.74 -19.60
CA ILE A 671 9.61 3.83 -18.95
C ILE A 671 8.24 3.88 -19.65
N ALA A 672 7.73 5.09 -19.89
CA ALA A 672 6.43 5.28 -20.54
C ALA A 672 6.39 4.75 -21.96
N LYS A 673 7.53 4.86 -22.65
CA LYS A 673 7.72 4.35 -24.01
C LYS A 673 7.52 2.83 -24.00
N ARG A 674 8.19 2.17 -23.06
CA ARG A 674 8.19 0.70 -22.95
C ARG A 674 6.82 0.09 -22.67
N LYS A 675 5.94 0.81 -22.00
CA LYS A 675 4.62 0.26 -21.71
C LYS A 675 3.61 0.53 -22.82
N LEU A 676 3.68 1.70 -23.45
CA LEU A 676 2.88 1.93 -24.66
C LEU A 676 3.30 0.95 -25.76
N LYS A 677 4.61 0.72 -25.86
CA LYS A 677 5.14 -0.31 -26.75
C LYS A 677 4.49 -1.66 -26.46
N GLY A 678 4.36 -2.01 -25.18
CA GLY A 678 3.73 -3.27 -24.76
C GLY A 678 2.25 -3.33 -25.06
N VAL A 679 1.54 -2.22 -24.84
CA VAL A 679 0.11 -2.14 -25.17
C VAL A 679 -0.10 -2.37 -26.66
N CYS A 680 0.73 -1.71 -27.47
CA CYS A 680 0.69 -1.91 -28.92
C CYS A 680 0.86 -3.37 -29.29
N LEU A 681 1.87 -4.01 -28.71
CA LEU A 681 2.19 -5.41 -29.02
C LEU A 681 1.09 -6.40 -28.62
N SER A 682 0.30 -6.06 -27.59
CA SER A 682 -0.82 -6.91 -27.18
C SER A 682 -1.95 -6.86 -28.19
N TYR A 683 -2.18 -5.68 -28.77
CA TYR A 683 -3.19 -5.53 -29.82
C TYR A 683 -2.78 -6.20 -31.13
N LEU A 684 -1.48 -6.30 -31.38
CA LEU A 684 -0.98 -7.02 -32.55
C LEU A 684 -1.20 -8.54 -32.43
N MET A 685 -1.26 -9.04 -31.20
CA MET A 685 -1.52 -10.46 -30.93
C MET A 685 -3.02 -10.79 -30.86
N ASN A 686 -3.81 -9.83 -30.39
CA ASN A 686 -5.27 -9.97 -30.43
C ASN A 686 -5.88 -9.72 -31.82
N ALA A 687 -5.03 -9.52 -32.83
CA ALA A 687 -5.49 -9.44 -34.21
C ALA A 687 -5.86 -10.81 -34.76
N SER A 688 -6.64 -10.82 -35.84
CA SER A 688 -7.03 -12.06 -36.51
C SER A 688 -5.85 -12.78 -37.17
N ASP A 689 -4.85 -12.02 -37.60
CA ASP A 689 -3.57 -12.60 -38.03
C ASP A 689 -2.45 -12.21 -37.06
N GLN A 690 -1.87 -13.19 -36.40
CA GLN A 690 -0.78 -12.98 -35.44
C GLN A 690 0.60 -12.96 -36.09
N LYS A 691 0.65 -13.26 -37.39
CA LYS A 691 1.88 -13.21 -38.17
C LYS A 691 2.77 -12.02 -37.76
N VAL A 692 2.24 -10.80 -37.91
CA VAL A 692 3.04 -9.59 -37.68
C VAL A 692 3.45 -9.39 -36.22
N GLY A 693 2.51 -9.58 -35.29
CA GLY A 693 2.78 -9.40 -33.86
C GLY A 693 3.76 -10.42 -33.32
N THR A 694 3.59 -11.68 -33.71
CA THR A 694 4.45 -12.78 -33.28
C THR A 694 5.91 -12.56 -33.64
N ASP A 695 6.15 -12.03 -34.84
CA ASP A 695 7.50 -11.80 -35.32
C ASP A 695 8.17 -10.70 -34.48
N LEU A 696 7.41 -9.66 -34.17
CA LEU A 696 7.90 -8.56 -33.34
C LEU A 696 8.14 -8.98 -31.89
N ALA A 697 7.24 -9.81 -31.37
CA ALA A 697 7.37 -10.33 -30.00
C ALA A 697 8.57 -11.27 -29.88
N GLN A 698 8.75 -12.11 -30.90
CA GLN A 698 9.84 -13.08 -30.93
C GLN A 698 11.22 -12.40 -30.95
N GLN A 699 11.33 -11.30 -31.69
CA GLN A 699 12.59 -10.55 -31.76
C GLN A 699 12.86 -9.83 -30.45
N LEU A 700 11.83 -9.14 -29.93
CA LEU A 700 11.94 -8.43 -28.66
C LEU A 700 12.39 -9.37 -27.56
N PHE A 701 11.82 -10.57 -27.57
CA PHE A 701 12.19 -11.64 -26.66
C PHE A 701 13.69 -11.93 -26.74
N ASP A 702 14.22 -12.09 -27.96
CA ASP A 702 15.63 -12.43 -28.15
C ASP A 702 16.57 -11.26 -27.90
N ASN A 703 16.11 -10.04 -28.18
CA ASN A 703 16.97 -8.86 -28.17
C ASN A 703 16.92 -7.99 -26.92
N ALA A 704 15.87 -8.14 -26.11
CA ALA A 704 15.67 -7.28 -24.92
C ALA A 704 16.91 -7.26 -24.04
N ASP A 705 17.26 -6.08 -23.54
CA ASP A 705 18.42 -5.91 -22.65
C ASP A 705 17.99 -5.64 -21.20
N ASN A 706 16.72 -5.91 -20.90
CA ASN A 706 16.17 -5.73 -19.55
C ASN A 706 15.00 -6.67 -19.32
N MET A 707 14.54 -6.77 -18.07
CA MET A 707 13.44 -7.68 -17.75
C MET A 707 12.08 -7.15 -18.22
N THR A 708 11.87 -5.84 -18.15
CA THR A 708 10.59 -5.25 -18.53
C THR A 708 10.19 -5.65 -19.95
N ASP A 709 11.13 -5.56 -20.88
CA ASP A 709 10.90 -5.94 -22.27
C ASP A 709 10.80 -7.45 -22.45
N GLN A 710 11.61 -8.20 -21.71
CA GLN A 710 11.57 -9.66 -21.80
C GLN A 710 10.28 -10.22 -21.19
N GLN A 711 9.81 -9.61 -20.11
CA GLN A 711 8.52 -9.92 -19.52
C GLN A 711 7.40 -9.65 -20.53
N THR A 712 7.46 -8.51 -21.20
CA THR A 712 6.46 -8.13 -22.19
C THR A 712 6.51 -9.09 -23.39
N ALA A 713 7.71 -9.37 -23.87
CA ALA A 713 7.90 -10.28 -25.00
C ALA A 713 7.35 -11.67 -24.69
N PHE A 714 7.70 -12.20 -23.51
CA PHE A 714 7.21 -13.51 -23.06
C PHE A 714 5.69 -13.54 -22.95
N THR A 715 5.13 -12.56 -22.24
CA THR A 715 3.68 -12.48 -22.04
C THR A 715 2.90 -12.53 -23.37
N GLU A 716 3.38 -11.81 -24.38
CA GLU A 716 2.70 -11.70 -25.67
C GLU A 716 2.94 -12.95 -26.53
N LEU A 717 4.13 -13.55 -26.36
CA LEU A 717 4.44 -14.81 -27.02
C LEU A 717 3.54 -15.94 -26.53
N LEU A 718 3.01 -15.82 -25.30
CA LEU A 718 2.05 -16.79 -24.74
C LEU A 718 0.62 -16.63 -25.27
N LYS A 719 0.31 -15.49 -25.90
CA LYS A 719 -0.98 -15.29 -26.56
C LYS A 719 -1.02 -15.94 -27.94
N SER A 720 0.13 -16.41 -28.42
CA SER A 720 0.24 -17.12 -29.69
C SER A 720 -0.68 -18.33 -29.71
N ASN A 721 -1.36 -18.54 -30.84
CA ASN A 721 -2.26 -19.69 -31.00
C ASN A 721 -1.53 -20.95 -31.47
N ASP A 722 -0.24 -20.82 -31.80
CA ASP A 722 0.58 -21.97 -32.16
C ASP A 722 1.16 -22.58 -30.89
N LYS A 723 1.01 -23.89 -30.76
CA LYS A 723 1.47 -24.62 -29.58
C LYS A 723 3.00 -24.59 -29.46
N GLN A 724 3.68 -24.75 -30.59
CA GLN A 724 5.15 -24.71 -30.66
C GLN A 724 5.74 -23.38 -30.18
N VAL A 725 5.07 -22.28 -30.54
CA VAL A 725 5.52 -20.94 -30.18
C VAL A 725 5.48 -20.71 -28.67
N ARG A 726 4.38 -21.14 -28.04
CA ARG A 726 4.21 -21.01 -26.60
C ARG A 726 5.21 -21.88 -25.85
N ASP A 727 5.26 -23.16 -26.23
CA ASP A 727 6.14 -24.15 -25.58
C ASP A 727 7.60 -23.72 -25.55
N ASN A 728 8.10 -23.24 -26.68
CA ASN A 728 9.51 -22.89 -26.81
C ASN A 728 9.88 -21.68 -25.95
N ALA A 729 8.99 -20.69 -25.89
CA ALA A 729 9.20 -19.51 -25.04
C ALA A 729 9.21 -19.90 -23.56
N ILE A 730 8.36 -20.85 -23.18
CA ILE A 730 8.33 -21.37 -21.82
C ILE A 730 9.69 -21.97 -21.49
N ASN A 731 10.19 -22.82 -22.38
CA ASN A 731 11.49 -23.49 -22.20
C ASN A 731 12.66 -22.52 -22.27
N GLU A 732 12.68 -21.71 -23.33
CA GLU A 732 13.72 -20.69 -23.55
C GLU A 732 13.83 -19.76 -22.35
N PHE A 733 12.69 -19.32 -21.82
CA PHE A 733 12.68 -18.45 -20.63
C PHE A 733 13.23 -19.19 -19.40
N TYR A 734 12.84 -20.44 -19.21
CA TYR A 734 13.30 -21.23 -18.07
C TYR A 734 14.80 -21.45 -18.13
N ASN A 735 15.29 -21.86 -19.31
CA ASN A 735 16.73 -22.10 -19.52
C ASN A 735 17.60 -20.93 -19.06
N ARG A 736 17.14 -19.71 -19.35
CA ARG A 736 17.89 -18.50 -19.02
C ARG A 736 17.84 -18.19 -17.52
N TRP A 737 16.67 -18.37 -16.91
CA TRP A 737 16.43 -17.90 -15.54
C TRP A 737 16.11 -19.00 -14.53
N ARG A 738 16.86 -20.10 -14.57
CA ARG A 738 16.80 -21.12 -13.51
C ARG A 738 17.35 -20.54 -12.22
N HIS A 739 18.50 -19.88 -12.35
CA HIS A 739 19.28 -19.37 -11.20
C HIS A 739 18.61 -18.25 -10.39
N GLU A 740 17.62 -17.57 -10.96
CA GLU A 740 16.94 -16.46 -10.27
C GLU A 740 15.53 -16.87 -9.84
N ASP A 741 15.33 -17.04 -8.54
CA ASP A 741 14.02 -17.45 -7.99
C ASP A 741 12.90 -16.46 -8.26
N LEU A 742 13.19 -15.18 -8.01
CA LEU A 742 12.20 -14.11 -8.21
C LEU A 742 11.64 -14.16 -9.63
N VAL A 743 12.51 -14.45 -10.59
CA VAL A 743 12.15 -14.49 -12.01
C VAL A 743 11.39 -15.78 -12.37
N VAL A 744 11.73 -16.88 -11.70
CA VAL A 744 11.01 -18.15 -11.89
C VAL A 744 9.55 -17.99 -11.44
N ASN A 745 9.33 -17.24 -10.37
CA ASN A 745 7.98 -16.92 -9.92
C ASN A 745 7.15 -16.27 -11.03
N LYS A 746 7.77 -15.31 -11.72
CA LYS A 746 7.13 -14.63 -12.85
C LYS A 746 6.89 -15.60 -14.01
N TRP A 747 7.80 -16.56 -14.17
CA TRP A 747 7.64 -17.62 -15.16
C TRP A 747 6.39 -18.47 -14.87
N LEU A 748 6.17 -18.77 -13.60
CA LEU A 748 4.98 -19.51 -13.16
C LEU A 748 3.72 -18.67 -13.37
N LEU A 749 3.75 -17.43 -12.88
CA LEU A 749 2.62 -16.52 -12.98
C LEU A 749 2.21 -16.31 -14.43
N SER A 750 3.18 -16.15 -15.31
CA SER A 750 2.90 -15.93 -16.74
C SER A 750 2.18 -17.13 -17.35
N GLN A 751 2.66 -18.33 -17.03
CA GLN A 751 2.01 -19.55 -17.49
C GLN A 751 0.60 -19.69 -16.90
N ALA A 752 0.47 -19.42 -15.60
CA ALA A 752 -0.83 -19.43 -14.92
C ALA A 752 -1.85 -18.51 -15.59
N GLN A 753 -1.37 -17.42 -16.18
CA GLN A 753 -2.23 -16.41 -16.80
C GLN A 753 -2.53 -16.66 -18.28
N ILE A 754 -2.04 -17.77 -18.84
CA ILE A 754 -2.29 -18.10 -20.25
C ILE A 754 -3.79 -18.11 -20.54
N SER A 755 -4.19 -17.40 -21.60
CA SER A 755 -5.58 -17.40 -22.07
C SER A 755 -5.76 -18.49 -23.12
N HIS A 756 -5.92 -19.73 -22.66
CA HIS A 756 -6.07 -20.87 -23.55
C HIS A 756 -6.62 -22.07 -22.78
N GLU A 757 -7.37 -22.92 -23.48
CA GLU A 757 -7.99 -24.12 -22.90
C GLU A 757 -7.05 -24.86 -21.94
N SER A 758 -5.81 -25.05 -22.39
CA SER A 758 -4.84 -25.90 -21.68
C SER A 758 -4.14 -25.23 -20.49
N ALA A 759 -4.64 -24.08 -20.04
CA ALA A 759 -4.05 -23.34 -18.92
C ALA A 759 -4.01 -24.19 -17.64
N LEU A 760 -5.14 -24.84 -17.35
CA LEU A 760 -5.25 -25.67 -16.15
C LEU A 760 -4.32 -26.88 -16.20
N ASP A 761 -4.28 -27.55 -17.34
CA ASP A 761 -3.36 -28.68 -17.55
C ASP A 761 -1.92 -28.30 -17.27
N ILE A 762 -1.53 -27.12 -17.76
CA ILE A 762 -0.16 -26.64 -17.61
C ILE A 762 0.16 -26.38 -16.14
N VAL A 763 -0.78 -25.73 -15.45
CA VAL A 763 -0.63 -25.43 -14.02
C VAL A 763 -0.51 -26.71 -13.18
N LYS A 764 -1.23 -27.76 -13.58
CA LYS A 764 -1.15 -29.06 -12.91
C LYS A 764 0.19 -29.75 -13.14
N GLY A 765 0.76 -29.58 -14.34
CA GLY A 765 2.09 -30.08 -14.64
C GLY A 765 3.15 -29.30 -13.88
N LEU A 766 2.84 -28.04 -13.57
CA LEU A 766 3.77 -27.17 -12.86
C LEU A 766 3.89 -27.47 -11.36
N VAL A 767 2.84 -27.99 -10.74
CA VAL A 767 2.92 -28.34 -9.30
C VAL A 767 3.95 -29.45 -9.06
N ASN A 768 4.13 -30.33 -10.05
CA ASN A 768 5.08 -31.43 -9.97
C ASN A 768 6.49 -31.02 -10.40
N HIS A 769 6.62 -29.83 -10.97
CA HIS A 769 7.88 -29.28 -11.46
C HIS A 769 8.74 -28.79 -10.29
N PRO A 770 10.07 -29.00 -10.35
CA PRO A 770 10.94 -28.62 -9.22
C PRO A 770 10.98 -27.10 -8.99
N ALA A 771 10.65 -26.34 -10.02
CA ALA A 771 10.46 -24.89 -9.91
C ALA A 771 9.33 -24.52 -8.95
N TYR A 772 8.34 -25.41 -8.80
CA TYR A 772 7.28 -25.22 -7.81
C TYR A 772 7.63 -25.91 -6.50
N ASN A 773 7.11 -25.35 -5.41
CA ASN A 773 7.21 -25.93 -4.09
C ASN A 773 6.06 -25.35 -3.25
N PRO A 774 5.12 -26.20 -2.81
CA PRO A 774 3.95 -25.71 -2.06
C PRO A 774 4.25 -25.23 -0.64
N LYS A 775 5.45 -25.53 -0.14
CA LYS A 775 5.90 -25.04 1.16
C LYS A 775 6.31 -23.56 1.08
N ASN A 776 6.77 -23.12 -0.08
CA ASN A 776 7.17 -21.73 -0.30
C ASN A 776 5.97 -20.88 -0.73
N PRO A 777 5.50 -19.97 0.17
CA PRO A 777 4.26 -19.22 -0.08
C PRO A 777 4.29 -18.29 -1.29
N ASN A 778 5.47 -17.79 -1.63
CA ASN A 778 5.62 -16.91 -2.79
C ASN A 778 5.32 -17.64 -4.09
N LYS A 779 5.65 -18.93 -4.14
CA LYS A 779 5.39 -19.76 -5.30
C LYS A 779 3.91 -20.14 -5.38
N VAL A 780 3.25 -20.18 -4.23
CA VAL A 780 1.83 -20.44 -4.16
C VAL A 780 1.03 -19.25 -4.69
N TYR A 781 1.48 -18.03 -4.40
CA TYR A 781 0.80 -16.82 -4.91
C TYR A 781 1.03 -16.65 -6.40
N SER A 782 2.20 -17.08 -6.86
CA SER A 782 2.53 -17.05 -8.29
C SER A 782 1.66 -18.01 -9.08
N LEU A 783 1.75 -19.30 -8.76
CA LEU A 783 1.09 -20.33 -9.55
C LEU A 783 -0.41 -20.42 -9.26
N ILE A 784 -0.76 -20.61 -7.98
CA ILE A 784 -2.15 -20.84 -7.60
C ILE A 784 -2.95 -19.53 -7.58
N GLY A 785 -2.41 -18.52 -6.91
CA GLY A 785 -3.03 -17.18 -6.90
C GLY A 785 -3.06 -16.55 -8.27
N GLY A 786 -2.05 -16.85 -9.08
CA GLY A 786 -2.00 -16.43 -10.47
C GLY A 786 -3.06 -17.10 -11.34
N PHE A 787 -3.37 -18.35 -11.05
CA PHE A 787 -4.43 -19.06 -11.77
C PHE A 787 -5.82 -18.58 -11.33
N GLY A 788 -5.96 -18.26 -10.05
CA GLY A 788 -7.20 -17.70 -9.53
C GLY A 788 -7.52 -16.32 -10.10
N ALA A 789 -6.49 -15.60 -10.55
CA ALA A 789 -6.65 -14.29 -11.20
C ALA A 789 -6.79 -14.37 -12.73
N ASN A 790 -6.59 -15.57 -13.29
CA ASN A 790 -6.85 -15.84 -14.70
C ASN A 790 -8.34 -16.04 -14.91
N PHE A 791 -9.04 -14.96 -15.28
CA PHE A 791 -10.49 -14.90 -15.24
C PHE A 791 -11.21 -15.99 -16.04
N LEU A 792 -11.00 -16.03 -17.35
CA LEU A 792 -11.69 -17.00 -18.23
C LEU A 792 -11.50 -18.45 -17.81
N GLN A 793 -10.26 -18.82 -17.47
CA GLN A 793 -9.88 -20.21 -17.26
C GLN A 793 -10.21 -20.74 -15.85
N TYR A 794 -10.05 -19.89 -14.83
CA TYR A 794 -10.44 -20.25 -13.47
C TYR A 794 -11.96 -20.37 -13.35
N HIS A 795 -12.68 -19.46 -14.02
CA HIS A 795 -14.15 -19.47 -14.01
C HIS A 795 -14.74 -20.28 -15.16
N CYS A 796 -13.94 -21.16 -15.76
CA CYS A 796 -14.37 -22.01 -16.86
C CYS A 796 -15.62 -22.78 -16.49
N LYS A 797 -16.61 -22.77 -17.40
CA LYS A 797 -17.97 -23.29 -17.12
C LYS A 797 -18.07 -24.77 -16.79
N ASP A 798 -17.04 -25.55 -17.15
CA ASP A 798 -16.96 -26.95 -16.76
C ASP A 798 -16.56 -27.15 -15.28
N GLY A 799 -16.14 -26.08 -14.62
CA GLY A 799 -15.97 -26.07 -13.17
C GLY A 799 -14.71 -26.73 -12.63
N LEU A 800 -13.81 -27.13 -13.53
CA LEU A 800 -12.57 -27.83 -13.14
C LEU A 800 -11.58 -26.90 -12.42
N GLY A 801 -11.73 -25.59 -12.63
CA GLY A 801 -10.92 -24.61 -11.94
C GLY A 801 -11.27 -24.51 -10.46
N TYR A 802 -12.55 -24.64 -10.17
CA TYR A 802 -13.02 -24.63 -8.78
C TYR A 802 -12.61 -25.90 -8.07
N ALA A 803 -12.65 -27.02 -8.79
CA ALA A 803 -12.26 -28.32 -8.23
C ALA A 803 -10.75 -28.39 -7.99
N PHE A 804 -9.96 -27.87 -8.92
CA PHE A 804 -8.53 -27.76 -8.73
C PHE A 804 -8.18 -26.86 -7.53
N MET A 805 -9.00 -25.84 -7.30
CA MET A 805 -8.78 -24.94 -6.18
C MET A 805 -9.09 -25.59 -4.82
N ALA A 806 -10.17 -26.38 -4.74
CA ALA A 806 -10.50 -27.11 -3.51
C ALA A 806 -9.41 -28.13 -3.15
N ASP A 807 -8.90 -28.83 -4.17
CA ASP A 807 -7.84 -29.83 -3.98
C ASP A 807 -6.59 -29.17 -3.44
N THR A 808 -6.13 -28.12 -4.10
CA THR A 808 -4.89 -27.45 -3.70
C THR A 808 -4.97 -26.89 -2.29
N VAL A 809 -6.12 -26.33 -1.93
CA VAL A 809 -6.35 -25.83 -0.57
C VAL A 809 -6.10 -26.92 0.48
N LEU A 810 -6.56 -28.13 0.20
CA LEU A 810 -6.38 -29.25 1.11
C LEU A 810 -4.93 -29.73 1.17
N ALA A 811 -4.22 -29.65 0.03
CA ALA A 811 -2.81 -30.02 -0.03
C ALA A 811 -1.93 -28.98 0.68
N LEU A 812 -2.24 -27.71 0.45
CA LEU A 812 -1.55 -26.60 1.13
C LEU A 812 -1.77 -26.63 2.64
N ASP A 813 -2.98 -26.99 3.05
CA ASP A 813 -3.36 -27.02 4.47
C ASP A 813 -2.49 -27.97 5.31
N LYS A 814 -1.87 -28.95 4.66
CA LYS A 814 -0.97 -29.87 5.34
C LYS A 814 0.31 -29.17 5.81
N PHE A 815 0.81 -28.23 5.00
CA PHE A 815 2.07 -27.53 5.27
C PHE A 815 1.83 -26.18 5.97
N ASN A 816 0.91 -25.39 5.44
CA ASN A 816 0.66 -24.02 5.91
C ASN A 816 -0.85 -23.71 5.90
N HIS A 817 -1.39 -23.40 7.08
CA HIS A 817 -2.83 -23.11 7.21
C HIS A 817 -3.18 -21.69 6.78
N GLN A 818 -2.23 -20.76 6.93
CA GLN A 818 -2.47 -19.36 6.57
C GLN A 818 -2.61 -19.25 5.06
N VAL A 819 -1.67 -19.87 4.36
CA VAL A 819 -1.64 -19.88 2.90
C VAL A 819 -2.83 -20.62 2.32
N ALA A 820 -3.16 -21.76 2.91
CA ALA A 820 -4.34 -22.53 2.49
C ALA A 820 -5.63 -21.71 2.61
N ALA A 821 -5.71 -20.92 3.68
CA ALA A 821 -6.87 -20.07 3.92
C ALA A 821 -6.98 -18.92 2.92
N ARG A 822 -5.83 -18.35 2.55
CA ARG A 822 -5.78 -17.28 1.55
C ARG A 822 -6.28 -17.77 0.20
N MET A 823 -5.71 -18.87 -0.26
CA MET A 823 -6.10 -19.44 -1.56
C MET A 823 -7.57 -19.81 -1.59
N ALA A 824 -8.14 -20.06 -0.41
CA ALA A 824 -9.55 -20.38 -0.30
C ALA A 824 -10.45 -19.17 -0.59
N ARG A 825 -9.97 -17.96 -0.34
CA ARG A 825 -10.71 -16.73 -0.68
C ARG A 825 -11.14 -16.72 -2.15
N ASN A 826 -10.40 -17.43 -3.00
CA ASN A 826 -10.74 -17.60 -4.41
C ASN A 826 -12.12 -18.22 -4.66
N LEU A 827 -12.65 -18.93 -3.67
CA LEU A 827 -13.94 -19.62 -3.79
C LEU A 827 -15.08 -18.93 -3.04
N MET A 828 -14.77 -17.90 -2.26
CA MET A 828 -15.71 -17.33 -1.30
C MET A 828 -16.54 -16.16 -1.84
N SER A 829 -16.41 -15.86 -3.13
CA SER A 829 -17.21 -14.81 -3.79
C SER A 829 -18.53 -15.32 -4.39
N TRP A 830 -18.82 -16.61 -4.22
CA TRP A 830 -19.99 -17.28 -4.80
C TRP A 830 -21.33 -16.50 -4.82
N LYS A 831 -21.54 -15.58 -3.87
CA LYS A 831 -22.72 -14.71 -3.89
C LYS A 831 -22.85 -13.85 -5.16
N ARG A 832 -21.71 -13.48 -5.73
CA ARG A 832 -21.67 -12.54 -6.86
C ARG A 832 -22.04 -13.16 -8.21
N TYR A 833 -22.04 -14.49 -8.30
CA TYR A 833 -22.09 -15.20 -9.58
C TYR A 833 -23.44 -15.82 -9.92
N ASP A 834 -23.60 -16.22 -11.18
CA ASP A 834 -24.82 -16.88 -11.64
C ASP A 834 -24.92 -18.27 -11.05
N SER A 835 -26.12 -18.84 -11.03
CA SER A 835 -26.40 -20.07 -10.28
C SER A 835 -25.45 -21.21 -10.59
N ASP A 836 -25.04 -21.36 -11.86
CA ASP A 836 -24.18 -22.48 -12.25
C ASP A 836 -22.78 -22.44 -11.61
N ARG A 837 -22.15 -21.27 -11.62
CA ARG A 837 -20.81 -21.11 -11.03
C ARG A 837 -20.89 -20.97 -9.50
N GLN A 838 -21.90 -20.25 -9.01
CA GLN A 838 -22.14 -20.14 -7.58
C GLN A 838 -22.19 -21.52 -6.92
N ALA A 839 -22.95 -22.43 -7.50
CA ALA A 839 -23.09 -23.79 -6.97
C ALA A 839 -21.79 -24.59 -7.02
N MET A 840 -21.03 -24.45 -8.10
CA MET A 840 -19.76 -25.16 -8.22
C MET A 840 -18.70 -24.63 -7.25
N MET A 841 -18.82 -23.36 -6.90
CA MET A 841 -17.96 -22.74 -5.88
C MET A 841 -18.32 -23.24 -4.48
N LYS A 842 -19.62 -23.35 -4.20
CA LYS A 842 -20.09 -23.86 -2.91
C LYS A 842 -19.73 -25.32 -2.72
N ASN A 843 -20.04 -26.15 -3.72
CA ASN A 843 -19.60 -27.55 -3.72
C ASN A 843 -18.14 -27.67 -3.31
N ALA A 844 -17.30 -26.82 -3.91
CA ALA A 844 -15.86 -26.80 -3.61
C ALA A 844 -15.57 -26.37 -2.18
N LEU A 845 -16.31 -25.37 -1.67
CA LEU A 845 -16.19 -24.97 -0.27
C LEU A 845 -16.64 -26.10 0.66
N GLU A 846 -17.76 -26.74 0.34
CA GLU A 846 -18.27 -27.86 1.15
C GLU A 846 -17.35 -29.09 1.07
N LYS A 847 -16.64 -29.24 -0.04
CA LYS A 847 -15.67 -30.32 -0.20
C LYS A 847 -14.47 -30.10 0.72
N ILE A 848 -14.06 -28.84 0.86
CA ILE A 848 -12.98 -28.47 1.78
C ILE A 848 -13.41 -28.72 3.24
N LYS A 849 -14.59 -28.22 3.57
CA LYS A 849 -15.19 -28.39 4.91
C LYS A 849 -15.32 -29.87 5.31
N ALA A 850 -15.68 -30.72 4.35
CA ALA A 850 -15.97 -32.13 4.62
C ALA A 850 -14.74 -33.04 4.60
N SER A 851 -13.56 -32.50 4.29
CA SER A 851 -12.32 -33.29 4.25
C SER A 851 -11.45 -33.12 5.52
N ASN A 852 -12.06 -32.66 6.61
CA ASN A 852 -11.35 -32.48 7.88
C ASN A 852 -10.07 -31.68 7.71
N PRO A 853 -10.21 -30.37 7.45
CA PRO A 853 -9.06 -29.50 7.39
C PRO A 853 -8.71 -28.97 8.78
N SER A 854 -7.65 -28.17 8.85
CA SER A 854 -7.29 -27.49 10.09
C SER A 854 -8.43 -26.61 10.56
N LYS A 855 -8.38 -26.25 11.84
CA LYS A 855 -9.39 -25.37 12.45
C LYS A 855 -9.51 -24.07 11.65
N ASN A 856 -8.38 -23.43 11.38
CA ASN A 856 -8.34 -22.15 10.65
C ASN A 856 -9.17 -22.17 9.35
N VAL A 857 -8.86 -23.13 8.49
CA VAL A 857 -9.53 -23.28 7.19
C VAL A 857 -11.00 -23.71 7.34
N PHE A 858 -11.26 -24.64 8.26
CA PHE A 858 -12.63 -25.09 8.56
C PHE A 858 -13.53 -23.92 8.97
N GLU A 859 -12.99 -23.02 9.79
CA GLU A 859 -13.75 -21.88 10.32
C GLU A 859 -14.11 -20.89 9.21
N ILE A 860 -13.09 -20.48 8.45
CA ILE A 860 -13.27 -19.48 7.39
C ILE A 860 -14.23 -19.98 6.31
N VAL A 861 -13.99 -21.18 5.81
CA VAL A 861 -14.85 -21.80 4.79
C VAL A 861 -16.28 -21.92 5.28
N SER A 862 -16.46 -22.36 6.52
CA SER A 862 -17.79 -22.45 7.11
C SER A 862 -18.47 -21.09 7.12
N LYS A 863 -17.71 -20.05 7.46
CA LYS A 863 -18.24 -18.70 7.60
C LYS A 863 -18.82 -18.12 6.29
N SER A 864 -18.13 -18.33 5.17
CA SER A 864 -18.62 -17.84 3.87
C SER A 864 -19.76 -18.71 3.32
N LEU A 865 -19.82 -19.98 3.72
CA LEU A 865 -20.95 -20.84 3.34
C LEU A 865 -22.24 -20.45 4.06
N GLU A 866 -22.12 -20.02 5.32
CA GLU A 866 -23.29 -19.63 6.12
C GLU A 866 -23.70 -18.16 5.92
N SER A 867 -22.79 -17.35 5.37
CA SER A 867 -23.04 -15.92 5.19
C SER A 867 -24.30 -15.65 4.36
ZN ZN B . 3.56 3.28 7.25
CL CL C . 13.76 -5.88 -30.77
CL CL D . -2.30 -14.32 -4.03
CL CL E . -22.48 -16.17 -18.68
CL CL F . -0.33 -27.35 -4.17
CL CL G . -10.39 11.72 19.06
CL CL H . 12.44 7.28 47.48
CL CL I . -7.21 19.92 -14.64
CL CL J . -8.86 24.15 -10.09
CL CL K . -18.99 26.64 -3.58
CL CL L . 31.76 6.50 18.59
CL CL M . -26.79 11.86 3.88
CL CL N . -27.08 20.38 -19.94
CL CL O . 20.88 -7.92 38.76
CL CL P . -12.21 23.58 12.45
CL CL Q . 25.51 -15.13 22.02
NA NA R . 14.98 -3.57 32.71
P PO4 S . -15.42 -29.75 -5.94
O1 PO4 S . -15.82 -28.61 -6.85
O2 PO4 S . -14.77 -30.85 -6.73
O3 PO4 S . -14.43 -29.30 -4.90
O4 PO4 S . -16.67 -30.25 -5.26
#